data_1XJF
#
_entry.id   1XJF
#
_cell.length_a   116.300
_cell.length_b   123.760
_cell.length_c   107.030
_cell.angle_alpha   90.00
_cell.angle_beta   103.82
_cell.angle_gamma   90.00
#
_symmetry.space_group_name_H-M   'C 1 2 1'
#
loop_
_entity.id
_entity.type
_entity.pdbx_description
1 polymer 'ribonucleotide reductase, B12-dependent'
2 non-polymer 'MAGNESIUM ION'
3 non-polymer "2'-DEOXYADENOSINE 5'-TRIPHOSPHATE"
4 water water
#
_entity_poly.entity_id   1
_entity_poly.type   'polypeptide(L)'
_entity_poly.pdbx_seq_one_letter_code
;MKLSDLISRWIDVEPSKNAQIILRDRYFMKDLDGNYLETKWEDVARRVARVVATAELLNPSYKKNEKLDRIKEWEDIFFR
VLKARLFIPNSPTLFNAGLGVKHDLLWKPIDQMTLEDYEEIYRSRNHLHMLSACFVVPVGDSIEEIFEAVKEYALITKVG
GGVGSNFSELRPKGSFVAGTHGKASGPVSFMHVFNSAISVVKQGSRRRGALMGILNINHPDIEEFIDAKKENTGEAVLNF
FNLSVGFPMDKKEILKLYEEDGELELSHPRSTIRKKVKIRELFRKIATNAWKSGDPGLAFLGEMNKYYPLYPHRKINSTN
PCGEIGLSDYEACNLGSIDVAKFYNNGFVDLEALQELVQIAVRFLDNVIDVNVFPIDKITKAVKESRRLGLGIMGFADLL
YKLEIPYNSQEARDFAANLMAFIALHAHRTSYELGKEKGNFPLLEISRYRTEDNFVPFAMGMSNYDDEIREVMKMTKEFR
RNVALLTIAPTGSISNIADTSSGLEPNFLLAYTRFVTKEDGTKEPLLYVNQVLREKLNPEILKRIEKELIEKGSLKDIPD
VPEKIKKVFVVALDIDPMDHLLMQDAFQRYVDNNISKTINMPQSATVDDVLNVYLEALRTNVRGITVYRDGSLQTQVLTK
ALKT
;
_entity_poly.pdbx_strand_id   A,B
#
loop_
_chem_comp.id
_chem_comp.type
_chem_comp.name
_chem_comp.formula
DTP non-polymer '2'-DEOXYADENOSINE 5'-TRIPHOSPHATE' 'C10 H16 N5 O12 P3'
MG non-polymer 'MAGNESIUM ION' 'Mg 2'
#
# COMPACT_ATOMS: atom_id res chain seq x y z
N MET A 1 -10.42 -16.04 -51.80
CA MET A 1 -11.75 -16.37 -51.21
C MET A 1 -12.25 -15.26 -50.26
N LYS A 2 -13.57 -15.13 -50.17
CA LYS A 2 -14.18 -14.07 -49.36
C LYS A 2 -14.25 -14.47 -47.93
N LEU A 3 -14.11 -13.49 -47.05
CA LEU A 3 -14.20 -13.70 -45.61
C LEU A 3 -15.46 -14.51 -45.22
N SER A 4 -16.58 -14.21 -45.91
CA SER A 4 -17.86 -14.89 -45.65
C SER A 4 -17.80 -16.41 -45.93
N ASP A 5 -17.09 -16.79 -46.97
CA ASP A 5 -16.94 -18.21 -47.28
C ASP A 5 -16.00 -18.91 -46.31
N LEU A 6 -14.98 -18.18 -45.86
CA LEU A 6 -14.06 -18.66 -44.84
C LEU A 6 -14.85 -18.80 -43.53
N ILE A 7 -15.71 -17.82 -43.26
CA ILE A 7 -16.57 -17.86 -42.08
C ILE A 7 -17.45 -19.13 -41.99
N SER A 8 -17.99 -19.59 -43.13
CA SER A 8 -18.85 -20.79 -43.18
C SER A 8 -18.05 -22.07 -42.99
N ARG A 9 -16.86 -22.04 -43.57
CA ARG A 9 -15.79 -22.97 -43.38
C ARG A 9 -15.65 -23.23 -41.87
N TRP A 10 -15.76 -22.17 -41.08
CA TRP A 10 -15.30 -22.23 -39.67
C TRP A 10 -16.40 -22.11 -38.63
N ILE A 11 -17.46 -21.37 -38.98
CA ILE A 11 -18.50 -20.98 -38.01
C ILE A 11 -19.12 -22.13 -37.22
N ASP A 12 -19.25 -23.28 -37.87
CA ASP A 12 -19.87 -24.43 -37.20
C ASP A 12 -18.87 -25.42 -36.68
N VAL A 13 -17.57 -25.16 -36.88
CA VAL A 13 -16.53 -25.96 -36.25
C VAL A 13 -16.60 -25.62 -34.78
N GLU A 14 -16.91 -26.60 -33.95
CA GLU A 14 -17.03 -26.38 -32.52
C GLU A 14 -15.67 -26.41 -31.81
N PRO A 15 -15.55 -25.59 -30.74
CA PRO A 15 -14.39 -25.66 -29.84
C PRO A 15 -14.18 -27.10 -29.35
N SER A 16 -12.91 -27.47 -29.10
CA SER A 16 -12.54 -28.79 -28.63
C SER A 16 -12.92 -28.97 -27.16
N LYS A 17 -12.96 -30.22 -26.69
CA LYS A 17 -13.24 -30.54 -25.29
C LYS A 17 -12.30 -29.77 -24.37
N ASN A 18 -11.09 -29.54 -24.87
CA ASN A 18 -10.07 -28.70 -24.24
C ASN A 18 -10.53 -27.30 -24.03
N ALA A 19 -10.88 -26.65 -25.13
CA ALA A 19 -11.23 -25.24 -25.13
C ALA A 19 -12.42 -25.09 -24.20
N GLN A 20 -13.41 -25.96 -24.40
CA GLN A 20 -14.68 -25.91 -23.65
C GLN A 20 -14.48 -25.98 -22.15
N ILE A 21 -13.46 -26.73 -21.71
CA ILE A 21 -13.11 -26.79 -20.27
C ILE A 21 -12.67 -25.42 -19.81
N ILE A 22 -11.83 -24.76 -20.61
CA ILE A 22 -11.31 -23.43 -20.25
C ILE A 22 -12.45 -22.39 -20.25
N LEU A 23 -13.31 -22.49 -21.25
CA LEU A 23 -14.46 -21.58 -21.38
C LEU A 23 -15.42 -21.68 -20.19
N ARG A 24 -15.87 -22.90 -19.90
CA ARG A 24 -16.76 -23.16 -18.76
C ARG A 24 -16.12 -22.59 -17.50
N ASP A 25 -14.82 -22.86 -17.42
CA ASP A 25 -13.99 -22.54 -16.29
C ASP A 25 -13.77 -21.08 -15.95
N ARG A 26 -13.59 -20.24 -16.96
CA ARG A 26 -13.21 -18.85 -16.71
C ARG A 26 -14.02 -17.80 -17.48
N TYR A 27 -14.68 -18.23 -18.56
CA TYR A 27 -15.19 -17.32 -19.56
C TYR A 27 -16.71 -17.21 -19.68
N PHE A 28 -17.40 -18.36 -19.55
CA PHE A 28 -18.85 -18.41 -19.62
C PHE A 28 -19.36 -17.64 -18.43
N MET A 29 -20.19 -16.63 -18.69
CA MET A 29 -20.72 -15.81 -17.62
C MET A 29 -21.66 -16.59 -16.68
N LYS A 30 -21.67 -16.20 -15.42
CA LYS A 30 -22.50 -16.84 -14.42
C LYS A 30 -23.38 -15.82 -13.73
N ASP A 31 -24.60 -16.21 -13.33
CA ASP A 31 -25.45 -15.33 -12.51
C ASP A 31 -24.90 -15.22 -11.09
N LEU A 32 -25.49 -14.31 -10.31
CA LEU A 32 -25.08 -14.07 -8.93
C LEU A 32 -25.13 -15.32 -8.06
N ASP A 33 -25.90 -16.33 -8.49
CA ASP A 33 -26.04 -17.62 -7.80
C ASP A 33 -25.00 -18.70 -8.16
N GLY A 34 -24.15 -18.40 -9.16
CA GLY A 34 -23.09 -19.32 -9.61
C GLY A 34 -23.55 -20.21 -10.75
N ASN A 35 -24.76 -19.95 -11.24
CA ASN A 35 -25.33 -20.69 -12.39
C ASN A 35 -24.89 -20.05 -13.70
N TYR A 36 -24.73 -20.87 -14.72
CA TYR A 36 -24.31 -20.40 -16.02
C TYR A 36 -25.38 -19.62 -16.80
N LEU A 37 -25.00 -18.42 -17.24
CA LEU A 37 -25.78 -17.67 -18.23
C LEU A 37 -25.37 -18.04 -19.66
N GLU A 38 -24.16 -18.60 -19.79
CA GLU A 38 -23.65 -19.03 -21.08
C GLU A 38 -23.18 -20.45 -20.91
N THR A 39 -23.34 -21.23 -21.97
CA THR A 39 -22.99 -22.67 -21.94
C THR A 39 -22.33 -23.08 -23.27
N LYS A 40 -22.03 -22.10 -24.10
CA LYS A 40 -21.56 -22.33 -25.44
C LYS A 40 -20.78 -21.08 -25.86
N TRP A 41 -19.61 -21.28 -26.45
CA TRP A 41 -18.84 -20.18 -27.04
C TRP A 41 -19.73 -19.15 -27.79
N GLU A 42 -20.72 -19.66 -28.50
CA GLU A 42 -21.68 -18.87 -29.27
C GLU A 42 -22.32 -17.77 -28.44
N ASP A 43 -22.60 -18.06 -27.18
CA ASP A 43 -23.14 -17.09 -26.23
C ASP A 43 -22.17 -15.94 -25.95
N VAL A 44 -20.91 -16.27 -25.63
CA VAL A 44 -19.81 -15.29 -25.55
C VAL A 44 -19.63 -14.41 -26.80
N ALA A 45 -19.63 -15.02 -27.99
CA ALA A 45 -19.56 -14.27 -29.25
C ALA A 45 -20.75 -13.27 -29.39
N ARG A 46 -21.98 -13.77 -29.16
CA ARG A 46 -23.18 -12.90 -29.21
C ARG A 46 -23.04 -11.73 -28.25
N ARG A 47 -22.67 -12.03 -27.00
CA ARG A 47 -22.59 -11.02 -25.95
C ARG A 47 -21.52 -9.97 -26.23
N VAL A 48 -20.35 -10.43 -26.71
CA VAL A 48 -19.21 -9.55 -26.96
C VAL A 48 -19.44 -8.70 -28.22
N ALA A 49 -19.87 -9.33 -29.31
CA ALA A 49 -20.27 -8.64 -30.55
C ALA A 49 -21.29 -7.51 -30.34
N ARG A 50 -22.35 -7.84 -29.59
CA ARG A 50 -23.40 -6.90 -29.26
C ARG A 50 -22.86 -5.68 -28.57
N VAL A 51 -22.10 -5.91 -27.48
CA VAL A 51 -21.43 -4.85 -26.71
C VAL A 51 -20.44 -4.01 -27.55
N VAL A 52 -19.63 -4.65 -28.38
CA VAL A 52 -18.63 -3.86 -29.08
C VAL A 52 -19.30 -3.09 -30.22
N ALA A 53 -20.27 -3.72 -30.87
CA ALA A 53 -21.12 -3.03 -31.88
C ALA A 53 -21.77 -1.74 -31.39
N THR A 54 -22.24 -1.74 -30.13
CA THR A 54 -22.79 -0.58 -29.41
C THR A 54 -21.95 0.72 -29.51
N ALA A 55 -20.64 0.60 -29.71
CA ALA A 55 -19.81 1.79 -29.83
C ALA A 55 -20.16 2.55 -31.10
N GLU A 56 -20.92 1.90 -31.99
CA GLU A 56 -21.37 2.55 -33.21
C GLU A 56 -22.43 3.69 -32.95
N LEU A 57 -23.16 3.59 -31.83
CA LEU A 57 -23.90 4.72 -31.26
C LEU A 57 -23.18 6.09 -31.34
N LEU A 58 -21.85 6.09 -31.28
CA LEU A 58 -21.12 7.34 -31.19
C LEU A 58 -20.57 7.75 -32.54
N ASN A 59 -20.87 6.98 -33.59
CA ASN A 59 -20.38 7.31 -34.92
C ASN A 59 -21.00 8.62 -35.46
N PRO A 60 -20.18 9.68 -35.65
CA PRO A 60 -20.68 10.96 -36.17
C PRO A 60 -21.17 10.90 -37.62
N SER A 61 -20.87 9.79 -38.31
CA SER A 61 -21.17 9.58 -39.73
C SER A 61 -22.47 8.83 -40.00
N TYR A 62 -23.14 8.38 -38.95
CA TYR A 62 -24.43 7.73 -39.07
C TYR A 62 -25.54 8.70 -38.70
N LYS A 63 -26.47 8.96 -39.62
CA LYS A 63 -27.70 9.67 -39.29
C LYS A 63 -28.52 8.75 -38.39
N LYS A 64 -29.17 9.32 -37.37
CA LYS A 64 -29.96 8.55 -36.37
C LYS A 64 -31.00 7.59 -37.00
N ASN A 65 -31.52 7.99 -38.17
CA ASN A 65 -32.09 7.14 -39.25
C ASN A 65 -31.51 5.72 -39.39
N GLU A 66 -30.17 5.66 -39.45
CA GLU A 66 -29.44 4.46 -39.84
C GLU A 66 -28.85 3.69 -38.65
N LYS A 67 -28.54 4.41 -37.57
CA LYS A 67 -27.83 3.83 -36.45
C LYS A 67 -28.18 2.38 -36.20
N LEU A 68 -29.46 2.07 -35.99
CA LEU A 68 -29.88 0.70 -35.67
C LEU A 68 -29.54 -0.32 -36.77
N ASP A 69 -29.69 0.10 -38.03
CA ASP A 69 -29.44 -0.76 -39.18
C ASP A 69 -27.97 -1.14 -39.22
N ARG A 70 -27.12 -0.11 -39.11
CA ARG A 70 -25.68 -0.21 -39.23
C ARG A 70 -25.00 -0.82 -38.00
N ILE A 71 -25.49 -0.50 -36.80
CA ILE A 71 -25.05 -1.16 -35.58
C ILE A 71 -25.24 -2.68 -35.68
N LYS A 72 -26.41 -3.08 -36.21
CA LYS A 72 -26.82 -4.49 -36.31
C LYS A 72 -26.08 -5.21 -37.42
N GLU A 73 -25.51 -4.45 -38.33
CA GLU A 73 -24.65 -5.02 -39.35
C GLU A 73 -23.34 -5.39 -38.64
N TRP A 74 -22.76 -4.42 -37.93
CA TRP A 74 -21.54 -4.62 -37.16
C TRP A 74 -21.63 -5.73 -36.09
N GLU A 75 -22.69 -5.78 -35.31
CA GLU A 75 -22.86 -6.92 -34.42
C GLU A 75 -22.85 -8.26 -35.16
N ASP A 76 -23.42 -8.28 -36.35
CA ASP A 76 -23.46 -9.52 -37.14
C ASP A 76 -22.06 -10.00 -37.60
N ILE A 77 -21.27 -9.09 -38.17
CA ILE A 77 -19.96 -9.43 -38.66
C ILE A 77 -19.07 -9.81 -37.44
N PHE A 78 -18.94 -8.88 -36.47
CA PHE A 78 -18.30 -9.18 -35.20
C PHE A 78 -18.74 -10.53 -34.65
N PHE A 79 -20.03 -10.86 -34.77
CA PHE A 79 -20.51 -12.11 -34.21
C PHE A 79 -19.96 -13.34 -34.96
N ARG A 80 -20.01 -13.27 -36.28
CA ARG A 80 -19.56 -14.33 -37.17
C ARG A 80 -18.02 -14.57 -37.15
N VAL A 81 -17.29 -13.47 -37.15
CA VAL A 81 -15.86 -13.48 -36.97
C VAL A 81 -15.43 -14.11 -35.61
N LEU A 82 -16.11 -13.75 -34.52
CA LEU A 82 -15.82 -14.31 -33.20
C LEU A 82 -16.22 -15.79 -33.04
N LYS A 83 -17.40 -16.16 -33.56
CA LYS A 83 -17.85 -17.54 -33.47
C LYS A 83 -17.03 -18.50 -34.34
N ALA A 84 -16.65 -18.06 -35.55
CA ALA A 84 -15.73 -18.81 -36.38
C ALA A 84 -14.37 -18.98 -35.68
N ARG A 85 -14.12 -18.14 -34.67
CA ARG A 85 -12.84 -18.06 -33.94
C ARG A 85 -11.68 -17.62 -34.86
N LEU A 86 -12.00 -16.68 -35.75
CA LEU A 86 -11.05 -16.17 -36.75
C LEU A 86 -10.23 -15.03 -36.19
N PHE A 87 -10.85 -14.32 -35.23
CA PHE A 87 -10.26 -13.23 -34.47
C PHE A 87 -10.86 -13.32 -33.07
N ILE A 88 -10.01 -13.19 -32.03
CA ILE A 88 -10.47 -13.15 -30.64
C ILE A 88 -9.83 -11.92 -29.91
N PRO A 89 -10.67 -11.07 -29.25
CA PRO A 89 -10.11 -9.96 -28.48
C PRO A 89 -9.42 -10.58 -27.28
N ASN A 90 -8.76 -9.81 -26.45
CA ASN A 90 -8.11 -10.51 -25.37
C ASN A 90 -8.99 -10.75 -24.12
N SER A 91 -8.48 -11.54 -23.16
CA SER A 91 -9.31 -12.14 -22.12
C SER A 91 -10.29 -11.21 -21.42
N PRO A 92 -9.85 -9.99 -21.03
CA PRO A 92 -10.79 -9.15 -20.26
C PRO A 92 -12.05 -8.73 -21.03
N THR A 93 -11.93 -8.59 -22.35
CA THR A 93 -13.07 -8.29 -23.22
C THR A 93 -14.02 -9.45 -23.09
N LEU A 94 -13.48 -10.66 -23.18
CA LEU A 94 -14.33 -11.87 -23.05
C LEU A 94 -14.88 -12.09 -21.62
N PHE A 95 -14.19 -11.64 -20.60
CA PHE A 95 -14.71 -11.80 -19.25
C PHE A 95 -15.83 -10.80 -18.98
N ASN A 96 -15.53 -9.52 -19.29
CA ASN A 96 -16.22 -8.39 -18.71
C ASN A 96 -17.17 -7.63 -19.62
N ALA A 97 -17.23 -7.95 -20.92
CA ALA A 97 -18.18 -7.33 -21.82
C ALA A 97 -19.63 -7.65 -21.40
N GLY A 98 -20.38 -6.59 -21.08
CA GLY A 98 -21.81 -6.66 -20.76
C GLY A 98 -22.12 -6.70 -19.27
N LEU A 99 -21.09 -6.55 -18.44
CA LEU A 99 -21.25 -6.53 -17.01
C LEU A 99 -21.99 -5.24 -16.67
N GLY A 100 -23.16 -5.40 -16.02
CA GLY A 100 -23.98 -4.28 -15.57
C GLY A 100 -25.26 -4.19 -16.39
N VAL A 101 -25.27 -4.87 -17.53
CA VAL A 101 -26.40 -4.89 -18.43
C VAL A 101 -27.44 -5.97 -18.03
N LYS A 102 -28.72 -5.59 -18.14
CA LYS A 102 -29.83 -6.55 -18.09
C LYS A 102 -29.55 -7.77 -18.97
N HIS A 103 -29.76 -8.95 -18.39
CA HIS A 103 -29.45 -10.23 -19.01
C HIS A 103 -30.30 -10.55 -20.25
N ASP A 104 -31.57 -10.13 -20.20
CA ASP A 104 -32.52 -10.17 -21.33
C ASP A 104 -32.09 -9.41 -22.61
N LEU A 105 -31.04 -8.60 -22.49
CA LEU A 105 -30.54 -7.79 -23.61
C LEU A 105 -29.27 -8.32 -24.28
N LEU A 106 -28.42 -8.99 -23.49
CA LEU A 106 -27.11 -9.42 -23.99
C LEU A 106 -27.19 -10.54 -25.02
N TRP A 107 -28.20 -11.41 -24.88
CA TRP A 107 -28.36 -12.58 -25.76
C TRP A 107 -29.63 -12.61 -26.63
N LYS A 108 -30.42 -11.52 -26.57
CA LYS A 108 -31.60 -11.32 -27.42
C LYS A 108 -31.26 -11.62 -28.88
N PRO A 109 -32.17 -12.30 -29.61
CA PRO A 109 -31.95 -12.40 -31.06
C PRO A 109 -31.74 -11.01 -31.66
N ILE A 110 -30.76 -10.90 -32.56
CA ILE A 110 -30.38 -9.60 -33.13
C ILE A 110 -31.52 -8.90 -33.88
N ASP A 111 -32.54 -9.66 -34.31
CA ASP A 111 -33.62 -9.08 -35.09
C ASP A 111 -34.67 -8.45 -34.19
N GLN A 112 -34.56 -8.74 -32.88
CA GLN A 112 -35.41 -8.12 -31.86
C GLN A 112 -34.75 -6.93 -31.18
N MET A 113 -33.73 -6.37 -31.82
CA MET A 113 -32.97 -5.30 -31.16
C MET A 113 -33.47 -3.94 -31.60
N THR A 114 -33.80 -3.10 -30.63
CA THR A 114 -34.16 -1.70 -30.90
C THR A 114 -32.96 -0.81 -30.64
N LEU A 115 -33.06 0.46 -31.03
CA LEU A 115 -32.03 1.43 -30.74
C LEU A 115 -32.02 1.65 -29.24
N GLU A 116 -33.18 1.50 -28.64
CA GLU A 116 -33.36 1.71 -27.24
C GLU A 116 -32.58 0.64 -26.46
N ASP A 117 -32.69 -0.61 -26.92
CA ASP A 117 -31.92 -1.75 -26.40
C ASP A 117 -30.42 -1.47 -26.41
N TYR A 118 -29.88 -1.01 -27.55
CA TYR A 118 -28.45 -0.62 -27.65
C TYR A 118 -28.05 0.52 -26.73
N GLU A 119 -28.82 1.61 -26.70
CA GLU A 119 -28.52 2.74 -25.82
C GLU A 119 -28.51 2.31 -24.35
N GLU A 120 -29.35 1.34 -24.02
CA GLU A 120 -29.49 0.84 -22.66
C GLU A 120 -28.26 0.02 -22.25
N ILE A 121 -27.80 -0.82 -23.20
CA ILE A 121 -26.50 -1.47 -23.13
C ILE A 121 -25.40 -0.45 -22.81
N TYR A 122 -25.18 0.50 -23.71
CA TYR A 122 -24.18 1.54 -23.53
C TYR A 122 -24.24 2.22 -22.16
N ARG A 123 -25.42 2.35 -21.59
CA ARG A 123 -25.56 3.15 -20.36
C ARG A 123 -25.45 2.36 -19.08
N SER A 124 -25.64 1.05 -19.15
CA SER A 124 -25.59 0.21 -17.93
C SER A 124 -24.26 -0.56 -17.71
N ARG A 125 -23.23 -0.23 -18.49
CA ARG A 125 -21.86 -0.74 -18.31
C ARG A 125 -21.34 -0.24 -16.97
N ASN A 126 -21.15 -1.16 -16.02
CA ASN A 126 -20.68 -0.81 -14.67
C ASN A 126 -19.15 -0.77 -14.55
N HIS A 127 -18.65 -0.48 -13.35
CA HIS A 127 -17.19 -0.33 -13.11
C HIS A 127 -16.32 -1.58 -13.31
N LEU A 128 -16.92 -2.76 -13.36
CA LEU A 128 -16.19 -3.96 -13.69
C LEU A 128 -16.11 -4.20 -15.18
N HIS A 129 -16.63 -3.25 -15.97
CA HIS A 129 -16.73 -3.42 -17.45
C HIS A 129 -15.39 -2.99 -18.05
N MET A 130 -14.32 -3.53 -17.47
CA MET A 130 -12.94 -3.19 -17.84
C MET A 130 -12.45 -4.26 -18.82
N LEU A 131 -11.97 -3.83 -19.97
CA LEU A 131 -11.78 -4.71 -21.14
C LEU A 131 -10.36 -4.64 -21.72
N SER A 132 -9.42 -4.09 -20.95
CA SER A 132 -7.99 -4.05 -21.28
C SER A 132 -7.14 -4.91 -20.32
N ALA A 133 -6.04 -5.43 -20.83
CA ALA A 133 -5.23 -6.38 -20.07
C ALA A 133 -4.32 -5.70 -19.08
N CYS A 134 -3.79 -4.54 -19.45
CA CYS A 134 -2.70 -3.94 -18.73
C CYS A 134 -2.47 -2.48 -19.00
N PHE A 135 -1.77 -1.84 -18.05
CA PHE A 135 -1.60 -0.41 -18.04
C PHE A 135 -0.17 -0.14 -17.64
N VAL A 136 0.28 1.08 -17.90
CA VAL A 136 1.50 1.63 -17.30
C VAL A 136 1.15 2.79 -16.35
N VAL A 137 1.82 2.81 -15.22
CA VAL A 137 1.61 3.79 -14.16
C VAL A 137 2.97 4.42 -13.77
N PRO A 138 3.06 5.76 -13.70
CA PRO A 138 4.32 6.38 -13.30
C PRO A 138 4.50 6.24 -11.79
N VAL A 139 5.75 6.26 -11.32
CA VAL A 139 6.04 6.30 -9.90
C VAL A 139 7.10 7.38 -9.63
N GLY A 140 6.65 8.61 -9.40
CA GLY A 140 7.54 9.73 -9.03
C GLY A 140 8.36 9.56 -7.75
N ASP A 141 9.33 10.48 -7.56
CA ASP A 141 10.27 10.46 -6.44
C ASP A 141 9.77 11.13 -5.14
N SER A 142 8.56 10.78 -4.68
CA SER A 142 8.04 11.32 -3.42
C SER A 142 7.23 10.28 -2.73
N ILE A 143 7.13 10.35 -1.39
CA ILE A 143 6.30 9.42 -0.63
C ILE A 143 4.85 9.49 -1.13
N GLU A 144 4.32 10.70 -1.31
CA GLU A 144 3.00 10.94 -1.90
C GLU A 144 2.79 10.21 -3.23
N GLU A 145 3.76 10.32 -4.15
CA GLU A 145 3.58 9.76 -5.48
C GLU A 145 3.76 8.24 -5.51
N ILE A 146 4.69 7.72 -4.72
CA ILE A 146 4.87 6.31 -4.54
C ILE A 146 3.63 5.60 -4.03
N PHE A 147 3.02 6.12 -2.98
CA PHE A 147 1.89 5.45 -2.39
C PHE A 147 0.62 5.75 -3.11
N GLU A 148 0.59 6.87 -3.81
CA GLU A 148 -0.53 7.12 -4.74
C GLU A 148 -0.43 6.10 -5.88
N ALA A 149 0.78 5.75 -6.26
CA ALA A 149 0.96 4.71 -7.27
C ALA A 149 0.52 3.31 -6.77
N VAL A 150 0.88 2.97 -5.54
CA VAL A 150 0.46 1.71 -4.95
C VAL A 150 -1.07 1.59 -4.97
N LYS A 151 -1.77 2.68 -4.64
CA LYS A 151 -3.25 2.74 -4.64
C LYS A 151 -3.78 2.43 -6.06
N GLU A 152 -3.25 3.12 -7.06
CA GLU A 152 -3.52 2.85 -8.47
C GLU A 152 -3.23 1.41 -8.91
N TYR A 153 -2.11 0.81 -8.48
CA TYR A 153 -1.90 -0.65 -8.70
C TYR A 153 -3.04 -1.49 -8.12
N ALA A 154 -3.36 -1.29 -6.85
CA ALA A 154 -4.48 -2.01 -6.22
C ALA A 154 -5.81 -1.79 -6.98
N LEU A 155 -6.10 -0.54 -7.34
CA LEU A 155 -7.36 -0.21 -8.01
C LEU A 155 -7.44 -0.83 -9.42
N ILE A 156 -6.32 -0.90 -10.11
CA ILE A 156 -6.28 -1.54 -11.43
C ILE A 156 -6.34 -3.06 -11.34
N THR A 157 -5.66 -3.65 -10.36
CA THR A 157 -5.76 -5.07 -10.08
C THR A 157 -7.16 -5.54 -9.69
N LYS A 158 -7.85 -4.77 -8.84
CA LYS A 158 -9.24 -5.06 -8.50
C LYS A 158 -10.09 -5.38 -9.74
N VAL A 159 -9.90 -4.61 -10.81
CA VAL A 159 -10.79 -4.75 -11.98
C VAL A 159 -10.19 -5.66 -13.05
N GLY A 160 -9.08 -6.31 -12.71
CA GLY A 160 -8.48 -7.37 -13.52
C GLY A 160 -7.27 -6.97 -14.35
N GLY A 161 -6.76 -5.75 -14.20
CA GLY A 161 -5.58 -5.35 -14.97
C GLY A 161 -4.24 -5.91 -14.47
N GLY A 162 -3.24 -5.96 -15.36
CA GLY A 162 -1.83 -5.99 -14.96
C GLY A 162 -1.23 -4.62 -15.17
N VAL A 163 -0.13 -4.33 -14.50
CA VAL A 163 0.42 -2.99 -14.52
C VAL A 163 1.95 -3.06 -14.56
N GLY A 164 2.57 -2.08 -15.22
CA GLY A 164 4.01 -1.92 -15.16
C GLY A 164 4.41 -0.49 -14.82
N SER A 165 5.59 -0.35 -14.23
CA SER A 165 6.28 0.93 -14.02
C SER A 165 7.80 0.84 -14.19
N ASN A 166 8.39 1.96 -14.53
CA ASN A 166 9.76 2.16 -14.42
C ASN A 166 9.99 2.80 -13.03
N PHE A 167 10.83 2.15 -12.21
CA PHE A 167 11.09 2.70 -10.90
C PHE A 167 12.31 3.62 -10.81
N SER A 168 12.93 3.97 -11.93
CA SER A 168 14.18 4.74 -11.94
C SER A 168 14.11 6.17 -11.37
N GLU A 169 12.94 6.80 -11.32
CA GLU A 169 12.83 8.10 -10.65
C GLU A 169 13.17 8.02 -9.15
N LEU A 170 12.93 6.87 -8.54
CA LEU A 170 13.11 6.74 -7.13
C LEU A 170 14.58 6.84 -6.82
N ARG A 171 14.94 7.76 -5.92
CA ARG A 171 16.33 8.11 -5.66
C ARG A 171 17.00 6.91 -4.96
N PRO A 172 18.27 6.67 -5.20
CA PRO A 172 18.95 5.48 -4.68
C PRO A 172 18.82 5.23 -3.17
N LYS A 173 18.91 3.99 -2.75
CA LYS A 173 19.06 3.63 -1.35
C LYS A 173 20.17 4.45 -0.68
N GLY A 174 19.86 5.12 0.44
CA GLY A 174 20.85 5.78 1.27
C GLY A 174 20.89 7.29 1.09
N SER A 175 20.01 7.79 0.26
CA SER A 175 20.15 9.09 -0.31
C SER A 175 19.52 10.17 0.60
N PHE A 176 20.00 11.41 0.53
CA PHE A 176 19.46 12.49 1.38
C PHE A 176 17.97 12.81 1.11
N VAL A 177 17.19 13.03 2.17
CA VAL A 177 15.80 13.55 1.99
C VAL A 177 15.50 14.80 2.81
N ALA A 178 15.08 15.87 2.13
CA ALA A 178 14.83 17.16 2.79
C ALA A 178 13.69 17.08 3.80
N GLY A 179 12.62 16.40 3.41
CA GLY A 179 11.41 16.35 4.24
C GLY A 179 11.24 15.24 5.31
N THR A 180 12.33 14.57 5.71
CA THR A 180 12.28 13.49 6.76
C THR A 180 13.58 13.38 7.54
N HIS A 181 13.56 12.59 8.62
CA HIS A 181 14.76 12.19 9.35
C HIS A 181 15.30 10.88 8.77
N GLY A 182 14.53 10.28 7.86
CA GLY A 182 14.97 9.05 7.18
C GLY A 182 15.84 9.31 5.94
N LYS A 183 16.69 8.34 5.63
CA LYS A 183 17.34 8.16 4.30
C LYS A 183 16.36 7.44 3.38
N ALA A 184 16.27 7.86 2.11
CA ALA A 184 15.38 7.20 1.13
C ALA A 184 15.70 5.72 1.04
N SER A 185 14.66 4.89 0.99
CA SER A 185 14.82 3.41 0.93
C SER A 185 15.32 2.88 -0.43
N GLY A 186 14.99 3.59 -1.50
CA GLY A 186 15.41 3.18 -2.85
C GLY A 186 14.40 2.28 -3.55
N PRO A 187 14.49 2.19 -4.90
CA PRO A 187 13.43 1.51 -5.69
C PRO A 187 13.13 0.05 -5.27
N VAL A 188 14.16 -0.80 -5.13
CA VAL A 188 14.00 -2.23 -4.89
C VAL A 188 13.19 -2.45 -3.65
N SER A 189 13.54 -1.71 -2.61
CA SER A 189 12.88 -1.76 -1.33
C SER A 189 11.40 -1.35 -1.37
N PHE A 190 11.11 -0.20 -1.99
CA PHE A 190 9.72 0.23 -2.14
C PHE A 190 8.91 -0.71 -3.00
N MET A 191 9.53 -1.37 -3.97
CA MET A 191 8.80 -2.27 -4.87
C MET A 191 8.09 -3.40 -4.08
N HIS A 192 8.60 -3.67 -2.88
CA HIS A 192 8.03 -4.66 -1.98
C HIS A 192 6.64 -4.24 -1.56
N VAL A 193 6.40 -2.96 -1.41
CA VAL A 193 5.05 -2.52 -1.07
C VAL A 193 4.11 -2.80 -2.23
N PHE A 194 4.60 -2.58 -3.44
CA PHE A 194 3.86 -2.86 -4.66
C PHE A 194 3.53 -4.32 -4.76
N ASN A 195 4.47 -5.17 -4.37
CA ASN A 195 4.29 -6.60 -4.39
C ASN A 195 3.36 -7.09 -3.28
N SER A 196 3.44 -6.48 -2.10
CA SER A 196 2.47 -6.68 -1.01
C SER A 196 1.03 -6.44 -1.38
N ALA A 197 0.78 -5.29 -2.02
CA ALA A 197 -0.56 -4.89 -2.42
C ALA A 197 -1.21 -5.97 -3.25
N ILE A 198 -0.47 -6.41 -4.27
CA ILE A 198 -0.89 -7.39 -5.24
C ILE A 198 -0.97 -8.76 -4.63
N SER A 199 -0.19 -9.05 -3.60
CA SER A 199 -0.34 -10.35 -2.95
C SER A 199 -1.73 -10.48 -2.31
N VAL A 200 -2.32 -9.34 -1.93
CA VAL A 200 -3.62 -9.32 -1.29
C VAL A 200 -4.77 -8.89 -2.20
N VAL A 201 -4.48 -8.28 -3.34
CA VAL A 201 -5.56 -7.98 -4.28
C VAL A 201 -5.62 -9.03 -5.39
N LYS A 202 -6.54 -9.97 -5.23
CA LYS A 202 -6.66 -11.16 -6.09
C LYS A 202 -7.75 -11.06 -7.19
N GLN A 203 -7.65 -11.98 -8.16
CA GLN A 203 -8.42 -11.92 -9.41
C GLN A 203 -9.33 -13.15 -9.76
N GLY A 204 -9.08 -14.33 -9.18
CA GLY A 204 -9.90 -15.52 -9.45
C GLY A 204 -9.37 -16.79 -8.79
N ALA A 210 0.21 -10.10 -11.85
CA ALA A 210 1.46 -10.00 -12.64
C ALA A 210 1.82 -8.55 -12.98
N LEU A 211 3.07 -8.20 -12.69
CA LEU A 211 3.54 -6.84 -12.80
C LEU A 211 4.83 -6.77 -13.59
N MET A 212 5.15 -5.59 -14.08
CA MET A 212 6.44 -5.34 -14.67
C MET A 212 7.12 -4.27 -13.83
N GLY A 213 8.32 -4.58 -13.38
CA GLY A 213 9.14 -3.59 -12.72
C GLY A 213 10.40 -3.39 -13.54
N ILE A 214 10.63 -2.15 -13.97
CA ILE A 214 11.82 -1.79 -14.73
C ILE A 214 12.67 -0.80 -13.92
N LEU A 215 13.99 -1.03 -13.95
CA LEU A 215 14.95 -0.05 -13.48
C LEU A 215 16.02 0.13 -14.56
N ASN A 216 16.49 1.36 -14.72
CA ASN A 216 17.36 1.71 -15.82
C ASN A 216 18.78 1.30 -15.50
N ILE A 217 19.49 0.99 -16.57
CA ILE A 217 20.79 0.39 -16.50
C ILE A 217 21.75 1.30 -15.76
N ASN A 218 21.44 2.60 -15.73
CA ASN A 218 22.37 3.57 -15.14
C ASN A 218 21.97 4.09 -13.77
N HIS A 219 21.00 3.42 -13.13
CA HIS A 219 20.55 3.76 -11.80
C HIS A 219 21.58 3.24 -10.79
N PRO A 220 21.96 4.07 -9.81
CA PRO A 220 22.89 3.61 -8.76
C PRO A 220 22.58 2.24 -8.13
N ASP A 221 21.30 1.85 -8.09
CA ASP A 221 20.88 0.57 -7.47
C ASP A 221 20.69 -0.62 -8.40
N ILE A 222 21.20 -0.54 -9.63
CA ILE A 222 20.89 -1.53 -10.66
C ILE A 222 21.46 -2.92 -10.32
N GLU A 223 22.54 -2.95 -9.56
CA GLU A 223 23.10 -4.25 -9.18
C GLU A 223 22.21 -4.96 -8.17
N GLU A 224 21.65 -4.19 -7.24
CA GLU A 224 20.73 -4.68 -6.26
C GLU A 224 19.47 -5.16 -7.00
N PHE A 225 18.99 -4.36 -7.96
CA PHE A 225 17.83 -4.73 -8.78
C PHE A 225 18.00 -6.04 -9.54
N ILE A 226 19.12 -6.17 -10.23
CA ILE A 226 19.40 -7.35 -11.08
C ILE A 226 19.30 -8.64 -10.27
N ASP A 227 19.76 -8.58 -9.01
CA ASP A 227 19.73 -9.67 -8.04
C ASP A 227 18.52 -9.63 -7.14
N ALA A 228 17.54 -8.76 -7.42
CA ALA A 228 16.43 -8.56 -6.49
C ALA A 228 15.68 -9.85 -6.16
N LYS A 229 15.21 -10.56 -7.19
CA LYS A 229 14.39 -11.77 -7.00
C LYS A 229 15.25 -13.02 -6.86
N LYS A 230 16.24 -12.99 -5.98
CA LYS A 230 17.23 -14.06 -5.90
C LYS A 230 17.34 -14.53 -4.46
N GLU A 231 16.46 -15.48 -4.07
CA GLU A 231 16.46 -16.07 -2.71
C GLU A 231 17.71 -16.96 -2.45
N VAL A 237 9.03 -10.92 -0.71
CA VAL A 237 9.90 -10.89 -1.90
C VAL A 237 9.31 -9.95 -2.99
N LEU A 238 9.67 -10.24 -4.24
CA LEU A 238 9.12 -9.58 -5.44
C LEU A 238 8.55 -10.66 -6.37
N ASN A 239 7.92 -11.66 -5.74
CA ASN A 239 7.39 -12.83 -6.43
C ASN A 239 6.32 -12.50 -7.46
N PHE A 240 5.56 -11.42 -7.26
CA PHE A 240 4.61 -10.98 -8.30
C PHE A 240 5.22 -10.12 -9.40
N PHE A 241 6.48 -9.72 -9.29
CA PHE A 241 7.14 -8.98 -10.37
C PHE A 241 7.79 -9.83 -11.46
N ASN A 242 7.64 -9.41 -12.73
CA ASN A 242 8.67 -9.65 -13.73
C ASN A 242 9.50 -8.40 -13.72
N LEU A 243 10.79 -8.56 -13.92
CA LEU A 243 11.70 -7.44 -13.82
C LEU A 243 12.47 -7.35 -15.14
N SER A 244 12.66 -6.14 -15.64
CA SER A 244 13.50 -5.91 -16.78
C SER A 244 14.44 -4.76 -16.55
N VAL A 245 15.60 -4.82 -17.20
CA VAL A 245 16.57 -3.75 -17.15
C VAL A 245 16.32 -2.77 -18.28
N GLY A 246 16.11 -1.51 -17.94
CA GLY A 246 15.75 -0.51 -18.94
C GLY A 246 16.94 0.17 -19.60
N PHE A 247 16.88 0.31 -20.93
CA PHE A 247 17.88 1.05 -21.71
C PHE A 247 17.21 2.27 -22.34
N PRO A 248 17.18 3.40 -21.63
CA PRO A 248 16.53 4.56 -22.23
C PRO A 248 17.39 5.21 -23.33
N MET A 249 18.70 4.92 -23.36
CA MET A 249 19.61 5.40 -24.43
C MET A 249 19.53 4.56 -25.73
N ASP A 250 20.22 5.01 -26.77
CA ASP A 250 20.27 4.27 -28.07
C ASP A 250 20.94 2.90 -27.92
N LYS A 251 20.37 1.87 -28.54
CA LYS A 251 20.96 0.51 -28.55
C LYS A 251 22.39 0.54 -29.07
N LYS A 252 22.61 1.28 -30.17
CA LYS A 252 23.93 1.54 -30.79
C LYS A 252 25.00 1.93 -29.80
N GLU A 253 24.62 2.77 -28.86
CA GLU A 253 25.53 3.37 -27.91
C GLU A 253 25.93 2.41 -26.79
N ILE A 254 25.03 1.48 -26.46
CA ILE A 254 25.27 0.45 -25.49
C ILE A 254 26.18 -0.61 -26.10
N LEU A 255 25.86 -1.01 -27.33
CA LEU A 255 26.69 -1.97 -28.05
C LEU A 255 28.12 -1.42 -28.22
N LYS A 256 28.26 -0.17 -28.60
CA LYS A 256 29.59 0.42 -28.78
C LYS A 256 30.40 0.46 -27.50
N LEU A 257 29.82 1.00 -26.42
CA LEU A 257 30.42 0.95 -25.09
C LEU A 257 30.89 -0.47 -24.72
N TYR A 258 30.04 -1.47 -24.99
CA TYR A 258 30.34 -2.87 -24.74
C TYR A 258 31.54 -3.38 -25.54
N GLU A 259 31.55 -3.08 -26.82
CA GLU A 259 32.61 -3.50 -27.72
C GLU A 259 33.94 -2.93 -27.31
N GLU A 260 33.91 -1.71 -26.79
CA GLU A 260 35.11 -0.99 -26.30
C GLU A 260 35.51 -1.38 -24.87
N ASP A 261 34.74 -2.26 -24.23
CA ASP A 261 34.98 -2.62 -22.84
C ASP A 261 34.90 -1.41 -21.92
N GLY A 262 33.95 -0.51 -22.19
CA GLY A 262 33.87 0.73 -21.44
C GLY A 262 33.09 0.66 -20.13
N GLU A 263 32.96 1.83 -19.53
CA GLU A 263 32.40 1.98 -18.20
C GLU A 263 31.20 2.86 -18.21
N LEU A 264 30.23 2.51 -17.39
CA LEU A 264 28.97 3.26 -17.32
C LEU A 264 28.97 4.01 -16.00
N GLU A 265 28.56 5.28 -16.07
CA GLU A 265 28.30 6.06 -14.88
C GLU A 265 26.87 5.85 -14.39
N LEU A 266 26.76 5.35 -13.15
CA LEU A 266 25.48 5.17 -12.42
C LEU A 266 25.32 6.38 -11.55
N SER A 267 24.26 7.13 -11.81
CA SER A 267 24.00 8.36 -11.10
C SER A 267 22.49 8.64 -11.13
N HIS A 268 22.03 9.47 -10.19
CA HIS A 268 20.63 9.88 -10.12
C HIS A 268 20.53 11.39 -9.90
N PRO A 269 19.62 12.08 -10.63
CA PRO A 269 19.53 13.55 -10.54
C PRO A 269 19.40 14.10 -9.12
N ARG A 270 18.72 13.36 -8.24
CA ARG A 270 18.41 13.83 -6.87
C ARG A 270 19.11 13.04 -5.78
N SER A 271 20.31 12.57 -6.07
CA SER A 271 21.20 11.95 -5.08
C SER A 271 22.65 12.26 -5.49
N THR A 272 23.56 12.14 -4.52
CA THR A 272 25.00 12.32 -4.75
C THR A 272 25.72 10.97 -4.87
N ILE A 273 24.94 9.89 -4.74
CA ILE A 273 25.48 8.53 -4.91
C ILE A 273 25.69 8.27 -6.41
N ARG A 274 26.93 7.91 -6.75
CA ARG A 274 27.27 7.49 -8.10
C ARG A 274 28.30 6.40 -8.00
N LYS A 275 28.55 5.76 -9.14
CA LYS A 275 29.48 4.66 -9.22
C LYS A 275 29.83 4.47 -10.68
N LYS A 276 31.00 3.91 -10.96
CA LYS A 276 31.39 3.53 -12.31
C LYS A 276 31.46 2.04 -12.31
N VAL A 277 30.87 1.43 -13.34
CA VAL A 277 30.98 -0.02 -13.47
C VAL A 277 31.31 -0.36 -14.90
N LYS A 278 31.98 -1.47 -15.09
CA LYS A 278 32.18 -1.95 -16.45
C LYS A 278 30.88 -2.52 -17.02
N ILE A 279 30.47 -2.02 -18.18
CA ILE A 279 29.25 -2.46 -18.85
C ILE A 279 29.26 -3.98 -19.10
N ARG A 280 30.44 -4.55 -19.39
CA ARG A 280 30.57 -6.01 -19.61
C ARG A 280 30.22 -6.82 -18.35
N GLU A 281 30.68 -6.29 -17.21
CA GLU A 281 30.43 -6.90 -15.92
C GLU A 281 28.96 -6.78 -15.48
N LEU A 282 28.38 -5.60 -15.66
CA LEU A 282 26.95 -5.41 -15.55
C LEU A 282 26.11 -6.39 -16.39
N PHE A 283 26.47 -6.53 -17.67
CA PHE A 283 25.80 -7.44 -18.59
C PHE A 283 25.94 -8.87 -18.15
N ARG A 284 27.13 -9.26 -17.67
CA ARG A 284 27.37 -10.64 -17.23
C ARG A 284 26.49 -10.97 -16.02
N LYS A 285 26.35 -9.98 -15.16
CA LYS A 285 25.52 -10.09 -13.97
C LYS A 285 24.04 -10.24 -14.35
N ILE A 286 23.62 -9.57 -15.44
CA ILE A 286 22.27 -9.74 -15.95
C ILE A 286 22.09 -11.10 -16.58
N ALA A 287 23.04 -11.48 -17.44
CA ALA A 287 23.06 -12.80 -18.11
C ALA A 287 23.04 -13.98 -17.16
N THR A 288 23.83 -13.86 -16.08
CA THR A 288 24.00 -14.95 -15.11
C THR A 288 22.65 -15.19 -14.43
N ASN A 289 22.00 -14.11 -14.03
CA ASN A 289 20.72 -14.17 -13.37
C ASN A 289 19.62 -14.67 -14.27
N ALA A 290 19.56 -14.15 -15.52
CA ALA A 290 18.66 -14.68 -16.55
C ALA A 290 18.93 -16.15 -16.91
N TRP A 291 20.20 -16.51 -17.07
CA TRP A 291 20.61 -17.93 -17.23
C TRP A 291 20.03 -18.82 -16.14
N LYS A 292 19.99 -18.31 -14.90
CA LYS A 292 19.51 -19.03 -13.73
C LYS A 292 18.00 -19.08 -13.56
N SER A 293 17.33 -17.94 -13.72
CA SER A 293 15.97 -17.77 -13.31
C SER A 293 15.10 -17.19 -14.38
N GLY A 294 15.70 -16.65 -15.43
CA GLY A 294 14.89 -16.11 -16.49
C GLY A 294 14.59 -14.63 -16.36
N ASP A 295 14.82 -14.06 -15.19
CA ASP A 295 14.82 -12.63 -14.99
C ASP A 295 16.24 -12.11 -14.72
N PRO A 296 16.51 -10.83 -15.00
CA PRO A 296 15.60 -9.85 -15.63
C PRO A 296 15.70 -9.83 -17.14
N GLY A 297 14.61 -9.41 -17.81
CA GLY A 297 14.66 -9.12 -19.24
C GLY A 297 15.40 -7.83 -19.54
N LEU A 298 15.50 -7.53 -20.83
CA LEU A 298 16.00 -6.23 -21.34
C LEU A 298 14.87 -5.45 -22.07
N ALA A 299 14.76 -4.16 -21.76
CA ALA A 299 13.74 -3.26 -22.36
C ALA A 299 14.52 -2.14 -23.00
N PHE A 300 14.58 -2.14 -24.33
CA PHE A 300 15.24 -1.07 -25.08
C PHE A 300 14.25 0.08 -25.28
N LEU A 301 14.11 0.88 -24.23
CA LEU A 301 13.15 1.98 -24.15
C LEU A 301 13.43 3.05 -25.18
N GLY A 302 14.72 3.32 -25.42
CA GLY A 302 15.23 4.22 -26.47
C GLY A 302 14.67 3.85 -27.82
N GLU A 303 14.86 2.57 -28.18
CA GLU A 303 14.35 2.03 -29.44
C GLU A 303 12.81 2.17 -29.59
N MET A 304 12.06 2.05 -28.48
CA MET A 304 10.61 2.16 -28.48
C MET A 304 10.23 3.63 -28.77
N ASN A 305 10.99 4.55 -28.20
CA ASN A 305 10.79 5.98 -28.32
C ASN A 305 11.25 6.50 -29.66
N LYS A 306 12.23 5.84 -30.24
CA LYS A 306 12.63 6.11 -31.62
C LYS A 306 11.44 6.01 -32.61
N TYR A 307 10.52 5.09 -32.37
CA TYR A 307 9.37 4.83 -33.21
C TYR A 307 8.05 5.27 -32.62
N TYR A 308 8.10 5.95 -31.48
CA TYR A 308 6.92 6.47 -30.81
C TYR A 308 6.46 7.78 -31.49
N PRO A 309 5.31 7.76 -32.17
CA PRO A 309 4.79 8.99 -32.85
C PRO A 309 4.74 10.23 -31.99
N LEU A 310 4.57 10.08 -30.68
CA LEU A 310 4.45 11.23 -29.78
C LEU A 310 5.72 11.61 -29.02
N TYR A 311 6.86 11.06 -29.40
CA TYR A 311 8.11 11.32 -28.66
C TYR A 311 8.71 12.62 -29.21
N PRO A 312 9.16 13.56 -28.33
CA PRO A 312 9.25 13.62 -26.86
C PRO A 312 8.13 14.34 -26.08
N HIS A 313 7.07 14.74 -26.77
CA HIS A 313 5.89 15.29 -26.10
C HIS A 313 5.45 14.28 -25.03
N ARG A 314 5.37 13.01 -25.42
CA ARG A 314 5.15 11.92 -24.48
C ARG A 314 6.34 10.96 -24.57
N LYS A 315 6.55 10.16 -23.54
CA LYS A 315 7.71 9.31 -23.44
C LYS A 315 7.27 7.95 -22.99
N ILE A 316 7.90 6.91 -23.54
CA ILE A 316 7.68 5.53 -23.16
C ILE A 316 8.74 5.14 -22.14
N ASN A 317 8.30 4.91 -20.91
CA ASN A 317 9.17 4.58 -19.81
C ASN A 317 9.08 3.14 -19.38
N SER A 318 7.99 2.45 -19.71
CA SER A 318 7.82 1.07 -19.23
C SER A 318 7.05 0.26 -20.26
N THR A 319 7.07 -1.06 -20.09
CA THR A 319 6.20 -1.93 -20.80
C THR A 319 5.17 -2.47 -19.81
N ASN A 320 4.17 -3.17 -20.33
CA ASN A 320 3.20 -3.91 -19.54
C ASN A 320 3.91 -5.21 -19.11
N PRO A 321 3.30 -6.00 -18.19
CA PRO A 321 3.96 -7.18 -17.66
C PRO A 321 4.57 -8.11 -18.71
N CYS A 322 3.98 -8.21 -19.87
CA CYS A 322 4.54 -9.13 -20.88
C CYS A 322 5.46 -8.47 -21.88
N GLY A 323 5.65 -7.15 -21.76
CA GLY A 323 6.68 -6.46 -22.52
C GLY A 323 6.35 -6.06 -23.95
N GLU A 324 5.22 -6.56 -24.47
CA GLU A 324 4.87 -6.39 -25.90
C GLU A 324 4.21 -5.03 -26.30
N ILE A 325 3.86 -4.21 -25.31
CA ILE A 325 3.45 -2.82 -25.55
C ILE A 325 4.30 -1.95 -24.67
N GLY A 326 5.02 -1.02 -25.27
CA GLY A 326 5.61 0.10 -24.55
C GLY A 326 4.55 1.20 -24.45
N LEU A 327 4.20 1.58 -23.23
CA LEU A 327 3.07 2.46 -23.02
C LEU A 327 3.61 3.70 -22.32
N SER A 328 3.08 4.87 -22.68
CA SER A 328 3.37 6.07 -21.91
C SER A 328 2.44 6.08 -20.69
N ASP A 329 2.68 6.98 -19.73
CA ASP A 329 1.89 6.97 -18.45
C ASP A 329 0.39 6.87 -18.65
N TYR A 330 -0.28 5.98 -17.91
CA TYR A 330 -1.75 5.85 -17.92
C TYR A 330 -2.39 5.25 -19.18
N GLU A 331 -1.57 4.92 -20.19
CA GLU A 331 -2.09 4.22 -21.35
C GLU A 331 -2.42 2.75 -21.07
N ALA A 332 -3.31 2.17 -21.89
CA ALA A 332 -3.82 0.80 -21.74
C ALA A 332 -3.49 -0.13 -22.93
N CYS A 333 -3.27 -1.40 -22.63
CA CYS A 333 -3.15 -2.49 -23.62
C CYS A 333 -4.55 -2.66 -24.19
N ASN A 334 -4.72 -2.52 -25.49
CA ASN A 334 -6.00 -2.87 -26.08
C ASN A 334 -5.76 -3.86 -27.19
N LEU A 335 -5.98 -5.15 -26.94
CA LEU A 335 -5.37 -6.24 -27.72
C LEU A 335 -6.39 -7.23 -28.29
N GLY A 336 -6.08 -7.80 -29.46
CA GLY A 336 -6.84 -8.95 -29.95
C GLY A 336 -6.06 -9.60 -31.04
N SER A 337 -6.42 -10.83 -31.41
CA SER A 337 -5.54 -11.61 -32.29
C SER A 337 -6.23 -12.34 -33.39
N ILE A 338 -5.65 -12.34 -34.58
CA ILE A 338 -6.18 -13.16 -35.65
C ILE A 338 -5.51 -14.56 -35.73
N ASP A 339 -6.31 -15.63 -35.81
CA ASP A 339 -5.72 -16.96 -36.00
C ASP A 339 -5.35 -17.18 -37.48
N VAL A 340 -4.15 -16.76 -37.88
CA VAL A 340 -3.70 -16.90 -39.28
C VAL A 340 -3.66 -18.35 -39.79
N ALA A 341 -3.66 -19.32 -38.86
CA ALA A 341 -3.71 -20.75 -39.24
C ALA A 341 -5.00 -21.14 -39.99
N LYS A 342 -6.07 -20.39 -39.75
CA LYS A 342 -7.37 -20.59 -40.41
C LYS A 342 -7.39 -19.95 -41.80
N PHE A 343 -6.30 -19.29 -42.19
CA PHE A 343 -6.26 -18.58 -43.49
C PHE A 343 -5.45 -19.34 -44.52
N TYR A 344 -4.98 -20.50 -44.11
CA TYR A 344 -4.36 -21.43 -45.04
C TYR A 344 -5.37 -21.93 -46.07
N ASN A 345 -5.02 -21.71 -47.34
CA ASN A 345 -5.78 -22.17 -48.50
C ASN A 345 -4.86 -22.66 -49.64
N ASN A 346 -4.82 -23.98 -49.79
CA ASN A 346 -4.02 -24.71 -50.81
C ASN A 346 -2.60 -24.16 -51.00
N GLY A 347 -1.79 -24.30 -49.94
CA GLY A 347 -0.39 -23.94 -49.95
C GLY A 347 -0.13 -22.44 -49.92
N PHE A 348 -1.18 -21.65 -49.71
CA PHE A 348 -1.09 -20.17 -49.63
C PHE A 348 -1.94 -19.54 -48.51
N VAL A 349 -1.52 -18.34 -48.12
CA VAL A 349 -2.26 -17.53 -47.20
C VAL A 349 -3.26 -16.69 -48.01
N ASP A 350 -4.55 -16.94 -47.78
CA ASP A 350 -5.64 -16.22 -48.42
C ASP A 350 -5.68 -14.76 -47.99
N LEU A 351 -4.98 -13.95 -48.76
CA LEU A 351 -4.81 -12.55 -48.46
C LEU A 351 -6.11 -11.78 -48.64
N GLU A 352 -7.00 -12.27 -49.49
CA GLU A 352 -8.24 -11.55 -49.74
C GLU A 352 -9.12 -11.57 -48.49
N ALA A 353 -9.35 -12.76 -47.94
CA ALA A 353 -10.10 -12.94 -46.70
C ALA A 353 -9.43 -12.31 -45.50
N LEU A 354 -8.10 -12.34 -45.48
CA LEU A 354 -7.28 -11.76 -44.38
C LEU A 354 -7.36 -10.26 -44.36
N GLN A 355 -7.25 -9.62 -45.51
CA GLN A 355 -7.45 -8.14 -45.56
C GLN A 355 -8.81 -7.68 -44.98
N GLU A 356 -9.91 -8.34 -45.33
CA GLU A 356 -11.26 -7.97 -44.79
C GLU A 356 -11.27 -8.04 -43.26
N LEU A 357 -10.70 -9.13 -42.74
CA LEU A 357 -10.60 -9.36 -41.31
C LEU A 357 -9.75 -8.30 -40.63
N VAL A 358 -8.65 -7.90 -41.26
CA VAL A 358 -7.85 -6.85 -40.67
C VAL A 358 -8.70 -5.59 -40.42
N GLN A 359 -9.51 -5.25 -41.43
CA GLN A 359 -10.28 -4.02 -41.44
C GLN A 359 -11.33 -4.11 -40.36
N ILE A 360 -11.98 -5.25 -40.28
CA ILE A 360 -12.96 -5.49 -39.23
C ILE A 360 -12.34 -5.54 -37.84
N ALA A 361 -11.16 -6.16 -37.72
CA ALA A 361 -10.47 -6.28 -36.43
C ALA A 361 -10.02 -4.91 -35.88
N VAL A 362 -9.49 -4.07 -36.75
CA VAL A 362 -9.08 -2.75 -36.31
C VAL A 362 -10.30 -1.93 -35.85
N ARG A 363 -11.45 -2.11 -36.49
CA ARG A 363 -12.64 -1.38 -36.07
C ARG A 363 -13.11 -1.96 -34.71
N PHE A 364 -13.16 -3.29 -34.64
CA PHE A 364 -13.46 -3.95 -33.38
C PHE A 364 -12.64 -3.40 -32.21
N LEU A 365 -11.32 -3.35 -32.37
CA LEU A 365 -10.47 -3.03 -31.21
C LEU A 365 -10.65 -1.57 -30.91
N ASP A 366 -10.73 -0.75 -31.95
CA ASP A 366 -11.01 0.69 -31.78
C ASP A 366 -12.37 0.97 -31.10
N ASN A 367 -13.37 0.15 -31.42
CA ASN A 367 -14.65 0.18 -30.71
C ASN A 367 -14.62 -0.28 -29.23
N VAL A 368 -13.67 -1.15 -28.85
CA VAL A 368 -13.50 -1.52 -27.43
C VAL A 368 -13.18 -0.30 -26.57
N ILE A 369 -12.39 0.63 -27.09
CA ILE A 369 -12.08 1.84 -26.32
C ILE A 369 -13.34 2.59 -25.88
N ASP A 370 -14.31 2.67 -26.79
CA ASP A 370 -15.56 3.38 -26.57
C ASP A 370 -16.49 2.73 -25.55
N VAL A 371 -16.42 1.39 -25.39
CA VAL A 371 -17.27 0.69 -24.41
C VAL A 371 -16.54 0.28 -23.13
N ASN A 372 -15.25 0.63 -23.06
CA ASN A 372 -14.38 0.27 -21.96
C ASN A 372 -14.54 1.23 -20.79
N VAL A 373 -14.75 0.66 -19.60
CA VAL A 373 -14.73 1.42 -18.36
C VAL A 373 -13.38 1.27 -17.65
N PHE A 374 -12.61 2.36 -17.58
CA PHE A 374 -11.31 2.35 -16.92
C PHE A 374 -11.43 2.76 -15.45
N PRO A 375 -10.51 2.23 -14.61
CA PRO A 375 -10.57 2.49 -13.16
C PRO A 375 -10.20 3.92 -12.71
N ILE A 376 -9.27 4.57 -13.42
CA ILE A 376 -8.78 5.92 -13.06
C ILE A 376 -9.17 6.85 -14.20
N ASP A 377 -9.46 8.11 -13.86
CA ASP A 377 -9.78 9.12 -14.85
C ASP A 377 -8.59 9.36 -15.78
N LYS A 378 -7.38 9.26 -15.25
CA LYS A 378 -6.17 9.58 -16.04
C LYS A 378 -5.90 8.52 -17.10
N ILE A 379 -6.39 7.31 -16.85
CA ILE A 379 -6.28 6.24 -17.84
C ILE A 379 -7.23 6.49 -19.00
N THR A 380 -8.50 6.79 -18.68
CA THR A 380 -9.50 7.22 -19.69
C THR A 380 -8.92 8.30 -20.62
N LYS A 381 -8.27 9.28 -20.03
CA LYS A 381 -7.72 10.40 -20.75
C LYS A 381 -6.55 10.04 -21.67
N ALA A 382 -5.52 9.39 -21.11
CA ALA A 382 -4.42 8.83 -21.87
C ALA A 382 -4.87 7.97 -23.05
N VAL A 383 -5.89 7.15 -22.85
CA VAL A 383 -6.38 6.21 -23.85
C VAL A 383 -7.28 6.88 -24.91
N LYS A 384 -8.14 7.84 -24.48
CA LYS A 384 -8.97 8.59 -25.42
C LYS A 384 -8.09 9.41 -26.35
N GLU A 385 -7.00 9.92 -25.80
CA GLU A 385 -6.13 10.80 -26.57
C GLU A 385 -5.26 10.17 -27.65
N SER A 386 -4.96 8.89 -27.53
CA SER A 386 -4.01 8.24 -28.45
C SER A 386 -4.67 7.09 -29.19
N ARG A 387 -5.63 6.44 -28.52
CA ARG A 387 -6.34 5.29 -29.06
C ARG A 387 -5.40 4.17 -29.57
N ARG A 388 -4.32 3.90 -28.84
CA ARG A 388 -3.31 2.87 -29.23
C ARG A 388 -4.00 1.53 -29.26
N LEU A 389 -3.94 0.83 -30.40
CA LEU A 389 -4.46 -0.53 -30.50
C LEU A 389 -3.32 -1.58 -30.49
N GLY A 390 -3.68 -2.81 -30.14
CA GLY A 390 -2.78 -3.94 -30.27
C GLY A 390 -3.32 -5.09 -31.08
N LEU A 391 -3.39 -4.95 -32.39
CA LEU A 391 -3.80 -6.07 -33.22
C LEU A 391 -2.62 -7.00 -33.48
N GLY A 392 -2.83 -8.28 -33.22
CA GLY A 392 -1.79 -9.25 -33.52
C GLY A 392 -2.28 -10.54 -34.14
N ILE A 393 -1.46 -11.57 -34.03
CA ILE A 393 -1.74 -12.85 -34.63
C ILE A 393 -1.48 -13.97 -33.63
N MET A 394 -2.21 -15.06 -33.86
CA MET A 394 -1.93 -16.31 -33.24
C MET A 394 -2.00 -17.32 -34.35
N GLY A 395 -1.67 -18.58 -34.06
CA GLY A 395 -1.76 -19.64 -35.02
C GLY A 395 -0.65 -19.65 -36.06
N PHE A 396 0.33 -18.75 -35.96
CA PHE A 396 1.46 -18.68 -36.95
C PHE A 396 2.35 -19.98 -36.97
N ALA A 397 2.61 -20.57 -35.80
CA ALA A 397 3.41 -21.83 -35.77
C ALA A 397 2.69 -22.94 -36.61
N ASP A 398 1.36 -23.05 -36.41
CA ASP A 398 0.51 -24.03 -37.06
C ASP A 398 0.34 -23.69 -38.53
N LEU A 399 0.26 -22.39 -38.83
CA LEU A 399 0.21 -21.90 -40.21
C LEU A 399 1.43 -22.36 -40.99
N LEU A 400 2.60 -22.33 -40.35
CA LEU A 400 3.86 -22.74 -40.95
C LEU A 400 3.94 -24.25 -41.22
N TYR A 401 3.44 -25.05 -40.27
CA TYR A 401 3.30 -26.49 -40.45
C TYR A 401 2.49 -26.77 -41.73
N LYS A 402 1.28 -26.21 -41.82
CA LYS A 402 0.43 -26.24 -43.02
C LYS A 402 1.15 -25.93 -44.30
N LEU A 403 1.98 -24.91 -44.30
CA LEU A 403 2.69 -24.49 -45.49
C LEU A 403 3.97 -25.28 -45.67
N GLU A 404 4.23 -26.18 -44.72
CA GLU A 404 5.46 -26.95 -44.72
C GLU A 404 6.69 -26.02 -44.82
N ILE A 405 6.71 -24.99 -43.96
CA ILE A 405 7.87 -24.10 -43.80
C ILE A 405 8.49 -24.35 -42.40
N PRO A 406 9.81 -24.68 -42.34
CA PRO A 406 10.42 -24.89 -41.01
C PRO A 406 10.56 -23.56 -40.30
N TYR A 407 10.25 -23.54 -39.01
CA TYR A 407 10.28 -22.31 -38.21
C TYR A 407 11.64 -21.68 -38.16
N ASN A 408 12.65 -22.55 -38.04
CA ASN A 408 14.05 -22.17 -37.97
C ASN A 408 14.66 -22.22 -39.38
N SER A 409 14.35 -21.20 -40.16
CA SER A 409 14.76 -21.09 -41.57
C SER A 409 14.52 -19.64 -42.00
N GLN A 410 15.32 -19.20 -42.95
CA GLN A 410 15.12 -17.88 -43.53
C GLN A 410 13.77 -17.81 -44.27
N GLU A 411 13.37 -18.91 -44.89
CA GLU A 411 12.06 -18.98 -45.55
C GLU A 411 10.92 -18.48 -44.61
N ALA A 412 10.87 -19.10 -43.42
CA ALA A 412 9.90 -18.76 -42.38
C ALA A 412 9.94 -17.30 -41.97
N ARG A 413 11.14 -16.71 -41.98
CA ARG A 413 11.32 -15.36 -41.51
C ARG A 413 10.89 -14.37 -42.54
N ASP A 414 11.04 -14.76 -43.80
CA ASP A 414 10.67 -13.93 -44.94
C ASP A 414 9.15 -13.95 -45.09
N PHE A 415 8.59 -15.16 -45.01
CA PHE A 415 7.16 -15.30 -44.94
C PHE A 415 6.57 -14.41 -43.80
N ALA A 416 7.12 -14.53 -42.59
CA ALA A 416 6.75 -13.74 -41.41
C ALA A 416 6.75 -12.27 -41.62
N ALA A 417 7.82 -11.71 -42.19
CA ALA A 417 7.90 -10.30 -42.43
C ALA A 417 6.85 -9.81 -43.47
N ASN A 418 6.63 -10.60 -44.53
CA ASN A 418 5.65 -10.25 -45.54
C ASN A 418 4.24 -10.32 -44.98
N LEU A 419 3.93 -11.38 -44.25
CA LEU A 419 2.65 -11.52 -43.59
C LEU A 419 2.43 -10.34 -42.64
N MET A 420 3.43 -10.00 -41.84
CA MET A 420 3.30 -8.89 -40.93
C MET A 420 3.11 -7.57 -41.66
N ALA A 421 3.90 -7.34 -42.73
CA ALA A 421 3.87 -6.09 -43.51
C ALA A 421 2.50 -5.87 -44.21
N PHE A 422 1.95 -6.96 -44.72
CA PHE A 422 0.60 -7.01 -45.29
C PHE A 422 -0.42 -6.60 -44.25
N ILE A 423 -0.33 -7.20 -43.06
CA ILE A 423 -1.20 -6.87 -41.94
C ILE A 423 -1.01 -5.44 -41.51
N ALA A 424 0.24 -5.02 -41.33
CA ALA A 424 0.49 -3.63 -40.99
C ALA A 424 -0.22 -2.66 -41.95
N LEU A 425 -0.04 -2.87 -43.26
CA LEU A 425 -0.53 -1.99 -44.34
C LEU A 425 -2.03 -1.73 -44.24
N HIS A 426 -2.78 -2.82 -44.21
CA HIS A 426 -4.23 -2.81 -44.08
C HIS A 426 -4.82 -2.34 -42.77
N ALA A 427 -4.15 -2.68 -41.68
CA ALA A 427 -4.45 -2.12 -40.39
C ALA A 427 -4.27 -0.60 -40.38
N HIS A 428 -3.17 -0.11 -40.95
CA HIS A 428 -2.93 1.31 -40.99
C HIS A 428 -3.84 2.08 -42.01
N ARG A 429 -4.11 1.47 -43.17
CA ARG A 429 -5.11 1.95 -44.11
C ARG A 429 -6.47 2.09 -43.41
N THR A 430 -6.88 1.06 -42.67
CA THR A 430 -8.11 1.08 -41.88
C THR A 430 -8.13 2.23 -40.88
N SER A 431 -6.99 2.62 -40.33
CA SER A 431 -6.96 3.70 -39.34
C SER A 431 -7.14 5.08 -39.98
N TYR A 432 -6.63 5.23 -41.22
CA TYR A 432 -6.97 6.33 -42.15
C TYR A 432 -8.50 6.41 -42.38
N GLU A 433 -9.08 5.39 -43.02
CA GLU A 433 -10.53 5.17 -43.15
C GLU A 433 -11.37 5.59 -41.93
N LEU A 434 -10.98 5.13 -40.75
CA LEU A 434 -11.68 5.38 -39.49
C LEU A 434 -11.42 6.78 -38.94
N GLY A 435 -10.24 7.31 -39.22
CA GLY A 435 -9.90 8.67 -38.81
C GLY A 435 -10.71 9.64 -39.63
N LYS A 436 -11.10 9.20 -40.82
CA LYS A 436 -11.90 9.95 -41.74
C LYS A 436 -13.38 9.88 -41.31
N GLU A 437 -13.87 8.67 -41.08
CA GLU A 437 -15.24 8.38 -40.70
C GLU A 437 -15.66 8.84 -39.28
N LYS A 438 -14.70 8.90 -38.34
CA LYS A 438 -15.04 9.08 -36.93
C LYS A 438 -14.29 10.18 -36.24
N GLY A 439 -13.28 10.73 -36.90
CA GLY A 439 -12.41 11.70 -36.26
C GLY A 439 -11.08 11.08 -35.86
N ASN A 440 -10.04 11.89 -35.91
CA ASN A 440 -8.69 11.51 -35.66
C ASN A 440 -8.48 11.35 -34.17
N PHE A 441 -7.42 10.66 -33.75
CA PHE A 441 -7.07 10.63 -32.33
C PHE A 441 -6.64 12.04 -31.92
N PRO A 442 -7.15 12.55 -30.77
CA PRO A 442 -6.87 13.92 -30.34
C PRO A 442 -5.45 14.45 -30.58
N LEU A 443 -4.43 13.62 -30.41
CA LEU A 443 -3.07 14.13 -30.47
C LEU A 443 -2.38 14.00 -31.81
N LEU A 444 -3.13 13.69 -32.87
CA LEU A 444 -2.57 13.56 -34.22
C LEU A 444 -1.73 14.77 -34.63
N GLU A 445 -2.14 15.96 -34.19
CA GLU A 445 -1.53 17.22 -34.63
C GLU A 445 -0.12 17.40 -34.11
N ILE A 446 0.11 17.00 -32.85
CA ILE A 446 1.44 17.08 -32.23
C ILE A 446 2.31 15.84 -32.49
N SER A 447 1.78 14.87 -33.22
CA SER A 447 2.45 13.61 -33.47
C SER A 447 3.27 13.64 -34.74
N ARG A 448 4.29 12.79 -34.78
CA ARG A 448 5.23 12.69 -35.89
C ARG A 448 4.65 12.31 -37.25
N TYR A 449 3.47 11.67 -37.29
CA TYR A 449 2.76 11.45 -38.55
C TYR A 449 2.39 12.80 -39.22
N ARG A 450 2.30 13.84 -38.40
CA ARG A 450 1.97 15.18 -38.84
C ARG A 450 3.20 16.10 -38.94
N THR A 451 4.00 16.19 -37.87
CA THR A 451 5.06 17.17 -37.78
C THR A 451 6.33 16.75 -38.49
N GLU A 452 6.21 15.76 -39.36
CA GLU A 452 7.40 15.12 -39.93
C GLU A 452 7.19 14.61 -41.34
N ASP A 453 8.30 14.53 -42.07
CA ASP A 453 8.31 13.90 -43.39
C ASP A 453 8.91 12.51 -43.22
N ASN A 454 8.17 11.53 -43.74
CA ASN A 454 8.66 10.14 -43.86
C ASN A 454 8.74 9.31 -42.57
N PHE A 455 8.06 9.75 -41.52
CA PHE A 455 7.99 8.97 -40.29
C PHE A 455 7.24 7.66 -40.55
N VAL A 456 7.96 6.55 -40.29
CA VAL A 456 7.36 5.21 -40.19
C VAL A 456 7.56 4.71 -38.74
N PRO A 457 6.49 4.11 -38.16
CA PRO A 457 6.56 3.63 -36.79
C PRO A 457 7.17 2.21 -36.64
N PHE A 458 8.01 1.80 -37.59
CA PHE A 458 8.79 0.56 -37.49
C PHE A 458 9.88 0.48 -38.54
N ALA A 459 10.78 -0.49 -38.39
CA ALA A 459 12.03 -0.56 -39.16
C ALA A 459 11.82 -0.91 -40.63
N MET A 460 10.84 -1.76 -40.91
CA MET A 460 10.68 -2.37 -42.25
C MET A 460 11.98 -3.02 -42.79
N GLY A 461 12.06 -3.13 -44.11
CA GLY A 461 13.30 -3.48 -44.78
C GLY A 461 13.45 -4.96 -45.04
N MET A 462 12.32 -5.68 -45.03
CA MET A 462 12.31 -7.10 -45.32
C MET A 462 11.03 -7.49 -46.06
N SER A 463 10.52 -6.61 -46.92
CA SER A 463 9.28 -6.88 -47.61
C SER A 463 9.02 -5.98 -48.83
N ASN A 464 8.34 -6.56 -49.81
CA ASN A 464 8.00 -5.84 -51.04
C ASN A 464 6.86 -4.80 -50.81
N TYR A 465 6.09 -4.98 -49.72
CA TYR A 465 5.09 -4.01 -49.30
C TYR A 465 5.61 -2.67 -48.75
N ASP A 466 6.92 -2.47 -48.67
CA ASP A 466 7.51 -1.29 -47.98
C ASP A 466 7.02 0.01 -48.52
N ASP A 467 7.01 0.12 -49.84
CA ASP A 467 6.63 1.35 -50.54
C ASP A 467 5.16 1.74 -50.37
N GLU A 468 4.28 0.75 -50.47
CA GLU A 468 2.88 0.98 -50.21
C GLU A 468 2.62 1.38 -48.75
N ILE A 469 3.43 0.87 -47.81
CA ILE A 469 3.34 1.25 -46.41
C ILE A 469 3.75 2.72 -46.18
N ARG A 470 4.88 3.15 -46.75
CA ARG A 470 5.29 4.56 -46.60
C ARG A 470 4.21 5.47 -47.19
N GLU A 471 3.55 4.96 -48.23
CA GLU A 471 2.48 5.67 -48.92
C GLU A 471 1.32 5.90 -47.96
N VAL A 472 0.85 4.83 -47.32
CA VAL A 472 -0.20 4.93 -46.31
C VAL A 472 0.22 5.79 -45.13
N MET A 473 1.49 5.70 -44.72
CA MET A 473 1.98 6.51 -43.60
C MET A 473 1.90 8.00 -43.92
N LYS A 474 2.09 8.35 -45.18
CA LYS A 474 1.96 9.73 -45.67
C LYS A 474 0.50 10.23 -45.68
N MET A 475 -0.41 9.40 -46.22
CA MET A 475 -1.85 9.63 -46.17
C MET A 475 -2.35 9.93 -44.76
N THR A 476 -1.78 9.26 -43.75
CA THR A 476 -2.24 9.36 -42.37
C THR A 476 -1.78 10.64 -41.68
N LYS A 477 -1.13 11.52 -42.43
CA LYS A 477 -0.92 12.90 -42.02
C LYS A 477 -2.29 13.59 -41.86
N GLU A 478 -3.23 13.22 -42.73
CA GLU A 478 -4.54 13.85 -42.75
C GLU A 478 -5.50 13.15 -41.83
N PHE A 479 -5.60 11.85 -42.01
CA PHE A 479 -6.61 11.06 -41.31
C PHE A 479 -6.03 9.84 -40.59
N ARG A 480 -6.08 9.86 -39.25
CA ARG A 480 -5.61 8.76 -38.42
C ARG A 480 -6.39 8.62 -37.11
N ARG A 481 -7.09 7.50 -36.99
CA ARG A 481 -7.80 7.14 -35.78
C ARG A 481 -6.90 6.73 -34.58
N ASN A 482 -5.70 6.21 -34.86
CA ASN A 482 -4.89 5.48 -33.87
C ASN A 482 -3.40 5.78 -33.97
N VAL A 483 -2.78 6.12 -32.85
CA VAL A 483 -1.33 6.36 -32.78
C VAL A 483 -0.45 5.14 -33.19
N ALA A 484 -0.97 3.93 -33.02
CA ALA A 484 -0.24 2.69 -33.31
C ALA A 484 -1.28 1.61 -33.30
N LEU A 485 -1.05 0.53 -34.05
CA LEU A 485 -2.11 -0.47 -34.27
C LEU A 485 -1.74 -1.92 -33.94
N LEU A 486 -0.45 -2.24 -33.87
CA LEU A 486 -0.03 -3.66 -33.88
C LEU A 486 0.84 -4.07 -32.73
N THR A 487 0.71 -5.33 -32.35
CA THR A 487 1.52 -5.92 -31.32
C THR A 487 1.55 -7.42 -31.57
N ILE A 488 2.49 -8.14 -30.96
CA ILE A 488 2.36 -9.58 -30.86
C ILE A 488 2.50 -10.01 -29.40
N ALA A 489 1.36 -10.43 -28.87
CA ALA A 489 1.11 -10.76 -27.50
C ALA A 489 1.35 -12.26 -27.32
N PRO A 490 1.57 -12.72 -26.07
CA PRO A 490 1.69 -14.17 -25.82
C PRO A 490 0.46 -15.01 -26.22
N THR A 491 -0.76 -14.48 -26.00
CA THR A 491 -2.05 -15.17 -26.33
C THR A 491 -2.33 -16.60 -25.79
N GLY A 492 -1.81 -17.00 -24.63
CA GLY A 492 -1.98 -18.39 -24.18
C GLY A 492 -3.43 -18.88 -24.13
N SER A 493 -4.26 -18.20 -23.33
CA SER A 493 -5.67 -18.54 -23.20
C SER A 493 -6.53 -18.46 -24.48
N ILE A 494 -6.41 -17.38 -25.25
CA ILE A 494 -7.32 -17.19 -26.44
C ILE A 494 -6.88 -18.07 -27.60
N SER A 495 -5.61 -18.47 -27.61
CA SER A 495 -5.22 -19.46 -28.62
C SER A 495 -5.70 -20.87 -28.23
N ASN A 496 -5.79 -21.13 -26.94
CA ASN A 496 -6.43 -22.36 -26.45
C ASN A 496 -7.94 -22.40 -26.79
N ILE A 497 -8.61 -21.25 -26.67
CA ILE A 497 -10.01 -21.09 -27.08
C ILE A 497 -10.15 -21.29 -28.58
N ALA A 498 -9.20 -20.70 -29.34
CA ALA A 498 -9.19 -20.84 -30.80
C ALA A 498 -8.58 -22.15 -31.31
N ASP A 499 -8.09 -22.99 -30.39
CA ASP A 499 -7.42 -24.26 -30.76
C ASP A 499 -6.25 -24.03 -31.72
N THR A 500 -5.32 -23.16 -31.38
CA THR A 500 -4.26 -22.82 -32.34
C THR A 500 -2.94 -22.57 -31.57
N SER A 501 -1.84 -22.39 -32.30
CA SER A 501 -0.60 -22.11 -31.57
C SER A 501 -0.69 -20.68 -31.00
N SER A 502 0.10 -20.39 -29.97
CA SER A 502 0.11 -19.09 -29.32
C SER A 502 0.98 -18.13 -30.07
N GLY A 503 0.42 -16.96 -30.42
CA GLY A 503 1.22 -15.80 -30.89
C GLY A 503 2.04 -16.16 -32.10
N LEU A 504 3.25 -15.66 -32.15
CA LEU A 504 4.21 -16.02 -33.18
C LEU A 504 5.12 -17.17 -32.70
N GLU A 505 4.83 -17.74 -31.52
CA GLU A 505 5.72 -18.76 -30.87
C GLU A 505 5.60 -20.11 -31.52
N PRO A 506 6.74 -20.83 -31.68
CA PRO A 506 6.66 -22.20 -32.16
C PRO A 506 5.91 -23.07 -31.13
N ASN A 507 5.38 -24.21 -31.58
CA ASN A 507 4.78 -25.04 -30.59
C ASN A 507 5.83 -25.47 -29.58
N PHE A 508 5.45 -25.50 -28.31
CA PHE A 508 6.37 -25.99 -27.32
C PHE A 508 6.48 -27.51 -27.35
N LEU A 509 5.34 -28.17 -27.53
CA LEU A 509 5.28 -29.62 -27.69
C LEU A 509 4.32 -29.98 -28.81
N LEU A 510 4.54 -31.12 -29.46
CA LEU A 510 3.59 -31.68 -30.45
C LEU A 510 2.62 -32.69 -29.83
N ALA A 511 3.06 -33.36 -28.78
CA ALA A 511 2.20 -34.24 -28.01
C ALA A 511 2.44 -34.03 -26.54
N TYR A 512 1.36 -34.09 -25.78
CA TYR A 512 1.38 -34.01 -24.33
C TYR A 512 0.08 -34.59 -23.71
N THR A 513 0.19 -35.18 -22.54
CA THR A 513 -0.93 -35.94 -21.98
C THR A 513 -1.73 -35.07 -21.02
N ARG A 514 -3.01 -34.86 -21.31
CA ARG A 514 -3.88 -34.11 -20.38
C ARG A 514 -5.09 -34.88 -19.86
N PHE A 515 -4.94 -35.36 -18.61
CA PHE A 515 -5.96 -36.10 -17.85
C PHE A 515 -7.25 -35.29 -17.49
N VAL A 516 -8.39 -35.76 -18.00
CA VAL A 516 -9.71 -35.18 -17.71
C VAL A 516 -10.34 -35.86 -16.48
N THR A 517 -10.35 -35.12 -15.37
CA THR A 517 -10.85 -35.60 -14.08
C THR A 517 -12.37 -35.94 -14.07
N LYS A 518 -12.69 -37.09 -13.47
CA LYS A 518 -14.01 -37.73 -13.57
C LYS A 518 -14.53 -38.06 -12.15
N GLU A 519 -15.14 -39.25 -11.98
CA GLU A 519 -15.44 -39.82 -10.65
C GLU A 519 -14.94 -41.26 -10.54
N LYS A 523 -7.35 -37.88 -13.14
CA LYS A 523 -8.02 -39.16 -13.35
C LYS A 523 -8.26 -39.44 -14.84
N GLU A 524 -7.90 -40.67 -15.27
CA GLU A 524 -8.02 -41.14 -16.67
C GLU A 524 -7.41 -40.25 -17.78
N PRO A 525 -6.09 -40.44 -18.05
CA PRO A 525 -5.25 -39.72 -19.03
C PRO A 525 -5.74 -39.75 -20.49
N LEU A 526 -5.68 -38.60 -21.16
CA LEU A 526 -6.09 -38.48 -22.56
C LEU A 526 -5.03 -37.69 -23.37
N LEU A 527 -4.64 -38.25 -24.53
CA LEU A 527 -3.47 -37.78 -25.31
C LEU A 527 -3.80 -36.71 -26.32
N TYR A 528 -3.03 -35.62 -26.31
CA TYR A 528 -3.09 -34.63 -27.40
C TYR A 528 -1.91 -34.81 -28.33
N VAL A 529 -2.22 -34.88 -29.62
CA VAL A 529 -1.25 -34.71 -30.66
C VAL A 529 -1.71 -33.52 -31.48
N ASN A 530 -0.81 -32.55 -31.67
CA ASN A 530 -0.95 -31.47 -32.66
C ASN A 530 -1.78 -31.88 -33.85
N GLN A 531 -2.80 -31.08 -34.17
CA GLN A 531 -3.78 -31.48 -35.18
C GLN A 531 -3.26 -31.45 -36.61
N VAL A 532 -2.33 -30.54 -36.93
CA VAL A 532 -1.77 -30.44 -38.29
C VAL A 532 -0.83 -31.63 -38.57
N LEU A 533 -0.16 -32.12 -37.54
CA LEU A 533 0.64 -33.33 -37.63
C LEU A 533 -0.25 -34.54 -37.94
N ARG A 534 -1.32 -34.73 -37.18
CA ARG A 534 -2.27 -35.82 -37.46
C ARG A 534 -2.71 -35.81 -38.91
N GLU A 535 -2.99 -34.61 -39.43
CA GLU A 535 -3.41 -34.43 -40.81
C GLU A 535 -2.32 -34.77 -41.86
N LYS A 536 -1.06 -34.88 -41.46
CA LYS A 536 0.06 -34.97 -42.43
C LYS A 536 1.08 -36.08 -42.17
N LEU A 537 0.76 -37.01 -41.27
CA LEU A 537 1.62 -38.15 -40.92
C LEU A 537 0.79 -39.44 -40.92
N ASN A 538 1.30 -40.51 -41.55
CA ASN A 538 0.68 -41.84 -41.46
C ASN A 538 0.32 -42.10 -39.99
N PRO A 539 -0.98 -42.33 -39.69
CA PRO A 539 -1.37 -42.66 -38.28
C PRO A 539 -0.68 -43.96 -37.89
N GLU A 540 -0.22 -44.64 -38.94
CA GLU A 540 0.64 -45.79 -38.96
C GLU A 540 1.92 -45.47 -38.21
N ILE A 541 2.73 -44.59 -38.83
CA ILE A 541 3.96 -44.03 -38.23
C ILE A 541 3.68 -43.36 -36.89
N LEU A 542 2.62 -42.57 -36.83
CA LEU A 542 2.24 -41.90 -35.61
C LEU A 542 2.10 -42.86 -34.42
N LYS A 543 1.41 -43.98 -34.60
CA LYS A 543 1.09 -44.86 -33.46
C LYS A 543 2.32 -45.39 -32.74
N ARG A 544 3.37 -45.76 -33.49
CA ARG A 544 4.61 -46.26 -32.89
C ARG A 544 5.44 -45.18 -32.21
N ILE A 545 5.72 -44.11 -32.96
CA ILE A 545 6.59 -43.01 -32.51
C ILE A 545 5.94 -42.18 -31.39
N GLU A 546 4.62 -42.07 -31.47
CA GLU A 546 3.80 -41.28 -30.57
C GLU A 546 4.19 -41.44 -29.11
N LYS A 547 4.60 -42.64 -28.72
CA LYS A 547 4.94 -42.96 -27.33
C LYS A 547 6.30 -42.36 -26.94
N GLU A 548 7.28 -42.51 -27.82
CA GLU A 548 8.60 -41.93 -27.64
C GLU A 548 8.59 -40.39 -27.73
N LEU A 549 7.66 -39.83 -28.54
CA LEU A 549 7.52 -38.37 -28.72
C LEU A 549 7.19 -37.67 -27.42
N ILE A 550 6.16 -38.12 -26.72
CA ILE A 550 5.84 -37.54 -25.40
C ILE A 550 6.91 -37.81 -24.34
N GLU A 551 7.78 -38.79 -24.60
CA GLU A 551 8.91 -39.11 -23.70
C GLU A 551 10.13 -38.17 -23.92
N LYS A 552 10.45 -37.90 -25.19
CA LYS A 552 11.62 -37.12 -25.57
C LYS A 552 11.32 -35.64 -25.87
N GLY A 553 10.05 -35.31 -25.99
CA GLY A 553 9.63 -33.94 -26.30
C GLY A 553 9.87 -33.41 -27.72
N SER A 554 10.55 -34.19 -28.57
CA SER A 554 10.84 -33.73 -29.93
C SER A 554 10.81 -34.86 -30.93
N LEU A 555 10.68 -34.52 -32.21
CA LEU A 555 10.79 -35.47 -33.32
C LEU A 555 12.24 -35.71 -33.78
N LYS A 556 13.17 -34.88 -33.32
CA LYS A 556 14.59 -34.88 -33.78
C LYS A 556 15.19 -36.26 -34.00
N ASP A 557 15.14 -37.08 -32.96
CA ASP A 557 15.89 -38.33 -32.93
C ASP A 557 15.00 -39.55 -32.86
N ILE A 558 13.90 -39.51 -33.60
CA ILE A 558 13.08 -40.69 -33.77
C ILE A 558 13.40 -41.29 -35.14
N PRO A 559 13.80 -42.60 -35.16
CA PRO A 559 14.42 -43.27 -36.33
C PRO A 559 13.59 -43.36 -37.63
N ASP A 560 12.36 -43.88 -37.54
CA ASP A 560 11.57 -44.14 -38.76
C ASP A 560 10.49 -43.10 -39.10
N VAL A 561 10.89 -41.83 -39.13
CA VAL A 561 10.00 -40.70 -39.46
C VAL A 561 10.64 -39.84 -40.59
N PRO A 562 9.88 -39.54 -41.65
CA PRO A 562 10.54 -39.03 -42.84
C PRO A 562 11.33 -37.79 -42.52
N GLU A 563 12.31 -37.49 -43.37
CA GLU A 563 13.18 -36.34 -43.17
C GLU A 563 12.41 -35.05 -43.07
N LYS A 564 11.40 -34.91 -43.89
CA LYS A 564 10.77 -33.61 -44.04
C LYS A 564 9.52 -33.36 -43.18
N ILE A 565 9.05 -34.40 -42.50
CA ILE A 565 8.22 -34.24 -41.31
C ILE A 565 9.06 -33.74 -40.12
N LYS A 566 10.30 -34.22 -39.98
CA LYS A 566 11.19 -33.79 -38.90
C LYS A 566 11.65 -32.32 -39.05
N LYS A 567 11.83 -31.90 -40.29
CA LYS A 567 12.29 -30.55 -40.59
C LYS A 567 11.19 -29.49 -40.34
N VAL A 568 9.95 -29.88 -40.60
CA VAL A 568 8.81 -28.94 -40.58
C VAL A 568 8.13 -28.88 -39.20
N PHE A 569 7.97 -30.04 -38.58
CA PHE A 569 7.33 -30.12 -37.29
C PHE A 569 8.28 -29.94 -36.13
N VAL A 570 9.12 -28.89 -36.23
CA VAL A 570 9.97 -28.42 -35.15
C VAL A 570 9.16 -27.81 -33.99
N VAL A 571 9.67 -27.97 -32.78
CA VAL A 571 9.10 -27.33 -31.62
C VAL A 571 10.10 -26.28 -31.08
N ALA A 572 9.68 -25.57 -30.01
CA ALA A 572 10.48 -24.50 -29.39
C ALA A 572 11.97 -24.86 -29.26
N LEU A 573 12.28 -26.02 -28.68
CA LEU A 573 13.68 -26.39 -28.41
C LEU A 573 14.47 -27.04 -29.52
N ASP A 574 13.84 -27.31 -30.68
CA ASP A 574 14.57 -27.73 -31.91
C ASP A 574 15.18 -26.55 -32.57
N ILE A 575 14.81 -25.38 -32.07
CA ILE A 575 15.07 -24.11 -32.76
C ILE A 575 16.04 -23.39 -31.86
N ASP A 576 17.18 -23.03 -32.43
CA ASP A 576 18.27 -22.49 -31.63
C ASP A 576 17.95 -21.02 -31.27
N PRO A 577 18.62 -20.50 -30.23
CA PRO A 577 18.40 -19.13 -29.77
C PRO A 577 18.48 -18.06 -30.86
N MET A 578 19.46 -18.10 -31.75
CA MET A 578 19.46 -17.09 -32.82
C MET A 578 18.26 -17.12 -33.81
N ASP A 579 17.72 -18.32 -34.03
CA ASP A 579 16.58 -18.52 -34.89
C ASP A 579 15.30 -18.02 -34.22
N HIS A 580 15.21 -18.17 -32.89
CA HIS A 580 14.23 -17.48 -32.09
C HIS A 580 14.32 -15.94 -32.21
N LEU A 581 15.51 -15.40 -31.98
CA LEU A 581 15.75 -13.97 -32.03
C LEU A 581 15.45 -13.34 -33.38
N LEU A 582 15.90 -13.99 -34.45
CA LEU A 582 15.65 -13.47 -35.78
C LEU A 582 14.16 -13.54 -36.25
N MET A 583 13.37 -14.51 -35.82
CA MET A 583 11.96 -14.45 -36.03
C MET A 583 11.34 -13.18 -35.37
N GLN A 584 11.74 -12.90 -34.11
CA GLN A 584 11.40 -11.68 -33.42
C GLN A 584 11.70 -10.44 -34.23
N ASP A 585 12.89 -10.36 -34.79
CA ASP A 585 13.26 -9.19 -35.57
C ASP A 585 12.37 -9.11 -36.85
N ALA A 586 12.09 -10.25 -37.50
CA ALA A 586 11.31 -10.23 -38.72
C ALA A 586 9.91 -9.55 -38.47
N PHE A 587 9.25 -9.92 -37.37
CA PHE A 587 7.95 -9.33 -37.02
C PHE A 587 8.10 -7.90 -36.51
N GLN A 588 9.07 -7.67 -35.66
CA GLN A 588 9.29 -6.31 -35.10
C GLN A 588 9.42 -5.26 -36.18
N ARG A 589 9.94 -5.65 -37.32
CA ARG A 589 10.11 -4.73 -38.46
C ARG A 589 8.79 -4.16 -39.01
N TYR A 590 7.68 -4.84 -38.75
CA TYR A 590 6.34 -4.39 -39.20
C TYR A 590 5.25 -4.33 -38.11
N VAL A 591 5.71 -4.07 -36.88
CA VAL A 591 4.87 -3.92 -35.70
C VAL A 591 5.30 -2.59 -35.12
N ASP A 592 4.31 -1.76 -34.81
CA ASP A 592 4.56 -0.45 -34.32
C ASP A 592 4.66 -0.43 -32.79
N ASN A 593 4.01 -1.38 -32.10
CA ASN A 593 4.35 -1.65 -30.68
C ASN A 593 5.53 -2.64 -30.57
N ASN A 594 5.51 -3.54 -29.58
CA ASN A 594 6.60 -4.50 -29.38
C ASN A 594 6.07 -5.90 -29.64
N ILE A 595 6.89 -6.89 -29.28
CA ILE A 595 6.70 -8.30 -29.57
C ILE A 595 6.96 -9.06 -28.26
N SER A 596 6.03 -9.96 -27.92
CA SER A 596 6.30 -10.99 -26.94
C SER A 596 6.93 -12.18 -27.63
N LYS A 597 8.25 -12.36 -27.39
CA LYS A 597 9.03 -13.52 -27.85
C LYS A 597 9.98 -14.11 -26.75
N THR A 598 9.72 -15.33 -26.28
CA THR A 598 10.67 -16.07 -25.44
C THR A 598 11.82 -16.59 -26.27
N ILE A 599 13.05 -16.12 -26.03
CA ILE A 599 14.24 -16.77 -26.65
C ILE A 599 14.56 -18.00 -25.79
N ASN A 600 14.08 -19.17 -26.21
CA ASN A 600 14.32 -20.43 -25.55
C ASN A 600 15.75 -20.82 -25.75
N MET A 601 16.40 -21.25 -24.68
CA MET A 601 17.74 -21.84 -24.80
C MET A 601 17.88 -23.27 -24.20
N PRO A 602 18.75 -24.12 -24.82
CA PRO A 602 18.89 -25.48 -24.32
C PRO A 602 19.44 -25.47 -22.88
N GLN A 603 19.26 -26.56 -22.17
CA GLN A 603 19.82 -26.68 -20.83
C GLN A 603 21.34 -26.53 -20.81
N SER A 604 21.96 -26.96 -21.88
CA SER A 604 23.39 -26.96 -22.02
C SER A 604 23.95 -25.60 -22.44
N ALA A 605 23.08 -24.58 -22.58
CA ALA A 605 23.51 -23.19 -22.85
C ALA A 605 24.32 -22.58 -21.70
N THR A 606 25.30 -21.75 -22.06
CA THR A 606 26.09 -21.03 -21.05
C THR A 606 25.65 -19.58 -20.94
N VAL A 607 26.08 -18.95 -19.84
CA VAL A 607 26.07 -17.50 -19.66
C VAL A 607 26.67 -16.73 -20.84
N ASP A 608 27.74 -17.23 -21.43
CA ASP A 608 28.28 -16.64 -22.63
C ASP A 608 27.28 -16.71 -23.77
N ASP A 609 26.61 -17.85 -23.95
CA ASP A 609 25.59 -17.97 -24.98
C ASP A 609 24.48 -16.93 -24.79
N VAL A 610 24.09 -16.66 -23.54
CA VAL A 610 23.10 -15.62 -23.19
C VAL A 610 23.60 -14.24 -23.58
N LEU A 611 24.79 -13.87 -23.12
CA LEU A 611 25.52 -12.66 -23.58
C LEU A 611 25.53 -12.47 -25.08
N ASN A 612 25.75 -13.56 -25.82
CA ASN A 612 25.74 -13.51 -27.27
C ASN A 612 24.36 -13.23 -27.85
N VAL A 613 23.33 -13.68 -27.16
CA VAL A 613 21.97 -13.33 -27.56
C VAL A 613 21.74 -11.82 -27.38
N TYR A 614 22.12 -11.29 -26.21
CA TYR A 614 21.98 -9.87 -25.93
C TYR A 614 22.73 -8.99 -26.93
N LEU A 615 23.94 -9.40 -27.30
CA LEU A 615 24.73 -8.65 -28.31
C LEU A 615 24.03 -8.67 -29.64
N GLU A 616 23.54 -9.82 -30.05
CA GLU A 616 22.83 -9.89 -31.31
C GLU A 616 21.51 -9.07 -31.26
N ALA A 617 20.85 -9.04 -30.11
CA ALA A 617 19.64 -8.30 -29.87
C ALA A 617 19.92 -6.84 -30.13
N LEU A 618 21.11 -6.40 -29.72
CA LEU A 618 21.50 -5.00 -29.85
C LEU A 618 21.71 -4.56 -31.31
N ARG A 619 21.90 -5.52 -32.19
CA ARG A 619 22.15 -5.27 -33.59
C ARG A 619 20.92 -5.50 -34.43
N THR A 620 19.99 -6.32 -33.96
CA THR A 620 18.75 -6.52 -34.66
C THR A 620 17.78 -5.34 -34.35
N ASN A 621 16.53 -5.47 -34.80
CA ASN A 621 15.51 -4.40 -34.64
C ASN A 621 14.60 -4.61 -33.44
N VAL A 622 14.93 -5.61 -32.60
CA VAL A 622 14.14 -5.98 -31.42
C VAL A 622 14.20 -4.89 -30.39
N ARG A 623 13.11 -4.79 -29.66
CA ARG A 623 12.87 -3.64 -28.76
C ARG A 623 12.99 -4.12 -27.30
N GLY A 624 13.11 -5.45 -27.18
CA GLY A 624 13.27 -6.13 -25.89
C GLY A 624 13.78 -7.55 -26.02
N ILE A 625 14.20 -8.11 -24.88
CA ILE A 625 14.62 -9.52 -24.79
C ILE A 625 14.13 -10.24 -23.53
N THR A 626 13.56 -11.43 -23.75
CA THR A 626 13.25 -12.44 -22.73
C THR A 626 13.89 -13.75 -23.16
N VAL A 627 14.75 -14.27 -22.28
CA VAL A 627 15.38 -15.58 -22.47
C VAL A 627 14.87 -16.56 -21.43
N TYR A 628 14.62 -17.79 -21.86
CA TYR A 628 14.30 -18.82 -20.91
C TYR A 628 15.15 -20.04 -21.21
N ARG A 629 16.05 -20.39 -20.29
CA ARG A 629 16.90 -21.58 -20.45
C ARG A 629 16.20 -22.80 -19.91
N ASP A 630 16.02 -23.78 -20.79
CA ASP A 630 15.33 -25.02 -20.46
C ASP A 630 15.94 -25.66 -19.20
N GLY A 631 15.11 -25.92 -18.19
CA GLY A 631 15.53 -26.57 -16.97
C GLY A 631 16.08 -25.70 -15.85
N SER A 632 15.71 -24.42 -15.79
CA SER A 632 16.35 -23.46 -14.87
C SER A 632 15.47 -22.99 -13.70
N MET B 1 3.51 26.45 49.01
CA MET B 1 4.62 27.18 48.34
C MET B 1 4.26 27.54 46.89
N LYS B 2 4.79 28.67 46.43
CA LYS B 2 4.51 29.19 45.09
C LYS B 2 5.35 28.48 44.05
N LEU B 3 4.75 28.30 42.86
CA LEU B 3 5.40 27.60 41.75
C LEU B 3 6.79 28.20 41.46
N SER B 4 6.90 29.53 41.60
CA SER B 4 8.18 30.25 41.38
C SER B 4 9.27 29.82 42.36
N ASP B 5 8.88 29.51 43.60
CA ASP B 5 9.88 29.06 44.58
C ASP B 5 10.25 27.64 44.34
N LEU B 6 9.26 26.86 43.93
CA LEU B 6 9.47 25.48 43.47
C LEU B 6 10.36 25.44 42.24
N ILE B 7 10.09 26.32 41.28
CA ILE B 7 10.97 26.49 40.15
C ILE B 7 12.44 26.66 40.59
N SER B 8 12.72 27.51 41.60
CA SER B 8 14.11 27.85 42.02
C SER B 8 14.80 26.67 42.71
N ARG B 9 13.98 25.89 43.42
CA ARG B 9 14.41 24.57 43.92
C ARG B 9 14.95 23.67 42.82
N TRP B 10 14.33 23.79 41.65
CA TRP B 10 14.60 22.84 40.59
C TRP B 10 15.35 23.37 39.37
N ILE B 11 15.21 24.66 39.07
CA ILE B 11 15.72 25.21 37.81
C ILE B 11 17.19 24.96 37.56
N ASP B 12 18.00 24.93 38.64
CA ASP B 12 19.46 24.77 38.46
C ASP B 12 19.95 23.37 38.74
N VAL B 13 19.02 22.51 39.16
CA VAL B 13 19.30 21.07 39.24
C VAL B 13 19.53 20.61 37.81
N GLU B 14 20.74 20.14 37.54
CA GLU B 14 21.15 19.73 36.21
C GLU B 14 20.73 18.30 35.88
N PRO B 15 20.25 18.06 34.65
CA PRO B 15 20.03 16.68 34.24
C PRO B 15 21.22 15.77 34.62
N SER B 16 20.95 14.50 34.93
CA SER B 16 21.98 13.51 35.21
C SER B 16 22.79 13.14 33.95
N LYS B 17 23.93 12.48 34.13
CA LYS B 17 24.76 12.03 33.01
C LYS B 17 23.93 11.17 32.06
N ASN B 18 23.05 10.39 32.67
CA ASN B 18 22.02 9.59 32.00
C ASN B 18 21.18 10.38 31.01
N ALA B 19 20.46 11.35 31.56
CA ALA B 19 19.56 12.16 30.82
C ALA B 19 20.33 12.81 29.67
N GLN B 20 21.49 13.38 30.02
CA GLN B 20 22.32 14.11 29.07
C GLN B 20 22.81 13.31 27.87
N ILE B 21 23.11 12.01 28.07
CA ILE B 21 23.36 11.06 26.98
C ILE B 21 22.17 11.02 26.04
N ILE B 22 20.97 10.79 26.61
CA ILE B 22 19.72 10.68 25.80
C ILE B 22 19.42 11.99 25.02
N LEU B 23 19.62 13.13 25.68
CA LEU B 23 19.42 14.44 25.06
C LEU B 23 20.36 14.74 23.88
N ARG B 24 21.66 14.55 24.11
CA ARG B 24 22.68 14.69 23.07
C ARG B 24 22.27 13.80 21.91
N ASP B 25 21.87 12.59 22.27
CA ASP B 25 21.59 11.52 21.36
C ASP B 25 20.42 11.76 20.42
N ARG B 26 19.32 12.31 20.95
CA ARG B 26 18.06 12.32 20.19
C ARG B 26 17.37 13.68 20.17
N TYR B 27 17.69 14.54 21.12
CA TYR B 27 16.90 15.76 21.40
C TYR B 27 17.55 17.13 21.07
N PHE B 28 18.85 17.26 21.35
CA PHE B 28 19.64 18.43 20.96
C PHE B 28 19.67 18.58 19.45
N MET B 29 19.13 19.69 18.98
CA MET B 29 19.04 19.98 17.56
C MET B 29 20.42 20.10 16.92
N LYS B 30 20.50 19.74 15.65
CA LYS B 30 21.76 19.70 14.94
C LYS B 30 21.59 20.49 13.65
N ASP B 31 22.68 21.14 13.19
CA ASP B 31 22.65 21.80 11.87
C ASP B 31 22.76 20.77 10.75
N LEU B 32 22.57 21.22 9.51
CA LEU B 32 22.58 20.34 8.35
C LEU B 32 23.88 19.53 8.21
N ASP B 33 24.96 20.03 8.80
CA ASP B 33 26.25 19.34 8.82
C ASP B 33 26.44 18.28 9.90
N GLY B 34 25.45 18.13 10.80
CA GLY B 34 25.52 17.15 11.88
C GLY B 34 26.15 17.72 13.14
N ASN B 35 26.41 19.02 13.15
CA ASN B 35 26.92 19.71 14.33
C ASN B 35 25.79 20.15 15.24
N TYR B 36 26.10 20.29 16.53
CA TYR B 36 25.11 20.68 17.53
C TYR B 36 24.79 22.18 17.58
N LEU B 37 23.51 22.51 17.46
CA LEU B 37 23.01 23.84 17.71
C LEU B 37 22.62 23.98 19.19
N GLU B 38 22.41 22.84 19.85
CA GLU B 38 22.06 22.79 21.27
C GLU B 38 23.04 21.84 21.95
N THR B 39 23.43 22.18 23.18
CA THR B 39 24.43 21.40 23.91
C THR B 39 24.00 21.23 25.38
N LYS B 40 22.88 21.85 25.72
CA LYS B 40 22.36 21.92 27.08
C LYS B 40 20.84 21.85 27.08
N TRP B 41 20.25 21.14 28.05
CA TRP B 41 18.79 21.07 28.18
C TRP B 41 18.12 22.47 28.11
N GLU B 42 18.75 23.44 28.74
CA GLU B 42 18.39 24.85 28.67
C GLU B 42 18.08 25.38 27.27
N ASP B 43 18.87 24.97 26.29
CA ASP B 43 18.67 25.36 24.90
C ASP B 43 17.33 24.82 24.39
N VAL B 44 17.07 23.52 24.68
CA VAL B 44 15.78 22.89 24.35
C VAL B 44 14.59 23.65 24.96
N ALA B 45 14.69 23.94 26.26
CA ALA B 45 13.65 24.67 26.97
C ALA B 45 13.37 26.07 26.35
N ARG B 46 14.44 26.80 26.02
CA ARG B 46 14.33 28.10 25.35
C ARG B 46 13.63 27.96 23.99
N ARG B 47 14.14 27.05 23.16
CA ARG B 47 13.60 26.84 21.83
C ARG B 47 12.13 26.46 21.88
N VAL B 48 11.76 25.53 22.76
CA VAL B 48 10.39 24.99 22.80
C VAL B 48 9.41 26.02 23.41
N ALA B 49 9.85 26.70 24.49
CA ALA B 49 9.04 27.71 25.14
C ALA B 49 8.72 28.86 24.19
N ARG B 50 9.72 29.30 23.44
CA ARG B 50 9.57 30.36 22.46
C ARG B 50 8.58 30.03 21.37
N VAL B 51 8.77 28.86 20.74
CA VAL B 51 7.82 28.35 19.74
C VAL B 51 6.41 28.18 20.27
N VAL B 52 6.23 27.60 21.47
CA VAL B 52 4.87 27.38 21.97
C VAL B 52 4.23 28.71 22.42
N ALA B 53 5.05 29.63 22.98
CA ALA B 53 4.61 30.99 23.29
C ALA B 53 4.03 31.71 22.08
N THR B 54 4.64 31.47 20.93
CA THR B 54 4.24 32.07 19.64
C THR B 54 2.76 31.96 19.28
N ALA B 55 2.10 30.90 19.72
CA ALA B 55 0.67 30.75 19.50
C ALA B 55 -0.12 31.86 20.18
N GLU B 56 0.52 32.63 21.07
CA GLU B 56 -0.17 33.73 21.72
C GLU B 56 -0.51 34.85 20.72
N LEU B 57 0.22 34.89 19.59
CA LEU B 57 -0.08 35.71 18.42
C LEU B 57 -1.55 35.67 18.00
N LEU B 58 -2.20 34.53 18.19
CA LEU B 58 -3.57 34.33 17.76
C LEU B 58 -4.59 34.61 18.86
N ASN B 59 -4.14 35.10 20.01
CA ASN B 59 -5.07 35.44 21.10
C ASN B 59 -5.98 36.64 20.74
N PRO B 60 -7.32 36.41 20.66
CA PRO B 60 -8.26 37.49 20.37
C PRO B 60 -8.41 38.49 21.53
N SER B 61 -7.88 38.13 22.70
CA SER B 61 -7.99 38.90 23.93
C SER B 61 -6.80 39.83 24.15
N TYR B 62 -5.81 39.75 23.30
CA TYR B 62 -4.68 40.66 23.42
C TYR B 62 -4.84 41.75 22.37
N LYS B 63 -4.78 43.00 22.81
CA LYS B 63 -4.98 44.14 21.91
C LYS B 63 -3.70 44.45 21.11
N LYS B 64 -3.11 45.61 21.37
CA LYS B 64 -1.88 46.02 20.70
C LYS B 64 -1.01 46.70 21.74
N ASN B 65 0.30 46.63 21.51
CA ASN B 65 1.33 46.92 22.53
C ASN B 65 0.91 46.43 23.92
N GLU B 66 0.55 45.15 23.92
CA GLU B 66 0.11 44.36 25.06
C GLU B 66 0.42 42.94 24.61
N LYS B 67 0.53 42.80 23.28
CA LYS B 67 0.78 41.52 22.63
C LYS B 67 2.19 41.00 22.85
N LEU B 68 3.20 41.78 22.50
CA LEU B 68 4.61 41.41 22.70
C LEU B 68 4.92 41.16 24.18
N ASP B 69 4.36 42.00 25.06
CA ASP B 69 4.62 41.87 26.50
C ASP B 69 4.08 40.56 27.08
N ARG B 70 2.87 40.23 26.65
CA ARG B 70 2.20 39.04 27.10
C ARG B 70 2.70 37.73 26.46
N ILE B 71 3.17 37.77 25.22
CA ILE B 71 3.86 36.62 24.62
C ILE B 71 5.15 36.28 25.38
N LYS B 72 5.93 37.32 25.65
CA LYS B 72 7.19 37.20 26.37
C LYS B 72 7.04 36.69 27.80
N GLU B 73 5.89 36.98 28.39
CA GLU B 73 5.56 36.48 29.72
C GLU B 73 5.37 34.98 29.69
N TRP B 74 4.52 34.53 28.77
CA TRP B 74 4.34 33.10 28.46
C TRP B 74 5.63 32.37 28.09
N GLU B 75 6.46 32.90 27.20
CA GLU B 75 7.75 32.26 26.92
C GLU B 75 8.57 32.09 28.19
N ASP B 76 8.62 33.13 29.00
CA ASP B 76 9.35 33.08 30.26
C ASP B 76 8.86 31.99 31.24
N ILE B 77 7.55 31.90 31.46
CA ILE B 77 7.01 30.89 32.37
C ILE B 77 7.19 29.44 31.83
N PHE B 78 6.72 29.20 30.60
CA PHE B 78 7.00 27.98 29.83
C PHE B 78 8.47 27.62 29.95
N PHE B 79 9.36 28.60 29.78
CA PHE B 79 10.81 28.39 29.85
C PHE B 79 11.26 27.86 31.18
N ARG B 80 10.79 28.47 32.26
CA ARG B 80 11.26 28.14 33.59
C ARG B 80 10.72 26.79 34.08
N VAL B 81 9.45 26.57 33.80
CA VAL B 81 8.81 25.28 34.00
C VAL B 81 9.52 24.12 33.29
N LEU B 82 9.88 24.33 32.02
CA LEU B 82 10.54 23.32 31.23
C LEU B 82 11.95 23.06 31.72
N LYS B 83 12.65 24.13 32.09
CA LYS B 83 14.03 24.00 32.53
C LYS B 83 14.14 23.36 33.91
N ALA B 84 13.19 23.65 34.79
CA ALA B 84 13.11 23.00 36.10
C ALA B 84 12.73 21.51 35.96
N ARG B 85 12.18 21.17 34.79
CA ARG B 85 11.76 19.81 34.45
C ARG B 85 10.53 19.39 35.29
N LEU B 86 9.66 20.37 35.49
CA LEU B 86 8.46 20.22 36.28
C LEU B 86 7.34 19.66 35.44
N PHE B 87 7.41 20.00 34.17
CA PHE B 87 6.50 19.60 33.12
C PHE B 87 7.32 19.51 31.83
N ILE B 88 7.14 18.44 31.09
CA ILE B 88 7.76 18.26 29.79
C ILE B 88 6.68 17.78 28.77
N PRO B 89 6.58 18.45 27.60
CA PRO B 89 5.67 17.97 26.52
C PRO B 89 6.24 16.71 25.92
N ASN B 90 5.48 15.94 25.17
CA ASN B 90 6.16 14.73 24.72
C ASN B 90 7.18 14.88 23.58
N SER B 91 7.93 13.82 23.32
CA SER B 91 9.09 13.84 22.44
C SER B 91 8.98 14.68 21.16
N PRO B 92 7.92 14.49 20.37
CA PRO B 92 7.87 15.21 19.11
C PRO B 92 7.99 16.72 19.22
N THR B 93 7.41 17.28 20.29
CA THR B 93 7.48 18.71 20.59
C THR B 93 8.92 19.07 20.81
N LEU B 94 9.61 18.20 21.57
CA LEU B 94 10.99 18.43 21.86
C LEU B 94 11.85 18.28 20.61
N PHE B 95 11.52 17.35 19.71
CA PHE B 95 12.35 17.12 18.53
C PHE B 95 12.15 18.25 17.53
N ASN B 96 10.89 18.60 17.28
CA ASN B 96 10.48 19.31 16.06
C ASN B 96 10.04 20.77 16.20
N ALA B 97 9.83 21.24 17.43
CA ALA B 97 9.60 22.67 17.64
C ALA B 97 10.78 23.50 17.10
N GLY B 98 10.42 24.46 16.24
CA GLY B 98 11.34 25.36 15.62
C GLY B 98 11.97 24.94 14.30
N LEU B 99 11.52 23.80 13.77
CA LEU B 99 11.98 23.33 12.46
C LEU B 99 11.46 24.26 11.40
N GLY B 100 12.39 24.85 10.66
CA GLY B 100 12.08 25.77 9.56
C GLY B 100 12.41 27.21 9.90
N VAL B 101 12.65 27.46 11.18
CA VAL B 101 12.88 28.80 11.70
C VAL B 101 14.37 29.13 11.65
N LYS B 102 14.66 30.38 11.29
CA LYS B 102 16.01 30.94 11.37
C LYS B 102 16.61 30.67 12.73
N HIS B 103 17.80 30.09 12.74
CA HIS B 103 18.47 29.70 13.96
C HIS B 103 18.78 30.87 14.91
N ASP B 104 19.13 32.03 14.34
CA ASP B 104 19.33 33.30 15.06
C ASP B 104 18.08 33.79 15.84
N LEU B 105 16.93 33.14 15.64
CA LEU B 105 15.69 33.53 16.31
C LEU B 105 15.28 32.59 17.43
N LEU B 106 15.67 31.32 17.36
CA LEU B 106 15.19 30.30 18.29
C LEU B 106 15.80 30.43 19.67
N TRP B 107 17.06 30.86 19.71
CA TRP B 107 17.79 30.95 20.98
C TRP B 107 18.16 32.38 21.38
N LYS B 108 17.63 33.38 20.66
CA LYS B 108 17.80 34.80 20.96
C LYS B 108 17.43 35.07 22.42
N PRO B 109 18.19 35.95 23.13
CA PRO B 109 17.75 36.34 24.48
C PRO B 109 16.35 36.91 24.36
N ILE B 110 15.49 36.58 25.32
CA ILE B 110 14.07 36.96 25.26
C ILE B 110 13.83 38.45 25.29
N ASP B 111 14.78 39.22 25.83
CA ASP B 111 14.62 40.65 25.94
C ASP B 111 14.87 41.34 24.58
N GLN B 112 15.52 40.61 23.66
CA GLN B 112 15.79 41.12 22.31
C GLN B 112 14.67 40.79 21.32
N MET B 113 13.57 40.25 21.82
CA MET B 113 12.53 39.73 20.94
C MET B 113 11.55 40.82 20.55
N THR B 114 11.32 40.94 19.25
CA THR B 114 10.31 41.87 18.73
C THR B 114 9.07 41.05 18.40
N LEU B 115 7.98 41.74 18.11
CA LEU B 115 6.80 41.09 17.60
C LEU B 115 7.09 40.53 16.20
N GLU B 116 7.96 41.19 15.47
CA GLU B 116 8.35 40.75 14.15
C GLU B 116 9.08 39.41 14.23
N ASP B 117 9.94 39.27 15.25
CA ASP B 117 10.63 38.01 15.54
C ASP B 117 9.66 36.86 15.76
N TYR B 118 8.63 37.10 16.57
CA TYR B 118 7.58 36.10 16.82
C TYR B 118 6.78 35.73 15.58
N GLU B 119 6.35 36.74 14.83
CA GLU B 119 5.55 36.53 13.63
C GLU B 119 6.30 35.71 12.58
N GLU B 120 7.60 35.94 12.53
CA GLU B 120 8.51 35.25 11.64
C GLU B 120 8.65 33.77 11.99
N ILE B 121 8.75 33.50 13.30
CA ILE B 121 8.72 32.14 13.87
C ILE B 121 7.43 31.45 13.43
N TYR B 122 6.29 32.06 13.73
CA TYR B 122 5.01 31.50 13.36
C TYR B 122 4.87 31.14 11.85
N ARG B 123 5.56 31.90 11.01
CA ARG B 123 5.42 31.75 9.58
C ARG B 123 6.43 30.84 8.91
N SER B 124 7.55 30.56 9.57
CA SER B 124 8.56 29.69 8.97
C SER B 124 8.56 28.25 9.50
N ARG B 125 7.50 27.88 10.21
CA ARG B 125 7.27 26.50 10.62
C ARG B 125 7.06 25.63 9.39
N ASN B 126 7.99 24.74 9.07
CA ASN B 126 7.90 23.89 7.88
C ASN B 126 7.15 22.56 8.14
N HIS B 127 7.07 21.69 7.13
CA HIS B 127 6.27 20.46 7.18
C HIS B 127 6.73 19.38 8.13
N LEU B 128 7.97 19.50 8.60
CA LEU B 128 8.48 18.62 9.66
C LEU B 128 8.13 19.14 11.05
N HIS B 129 7.41 20.27 11.10
CA HIS B 129 7.09 20.95 12.34
C HIS B 129 5.90 20.25 13.00
N MET B 130 6.03 18.93 13.10
CA MET B 130 4.98 18.05 13.55
C MET B 130 5.24 17.68 15.01
N LEU B 131 4.33 18.06 15.89
CA LEU B 131 4.55 18.00 17.35
C LEU B 131 3.66 17.02 18.12
N SER B 132 3.00 16.11 17.39
CA SER B 132 2.09 15.10 17.96
C SER B 132 2.66 13.72 17.81
N ALA B 133 2.39 12.82 18.75
CA ALA B 133 3.04 11.51 18.75
C ALA B 133 2.34 10.49 17.81
N CYS B 134 1.02 10.60 17.72
CA CYS B 134 0.20 9.54 17.15
C CYS B 134 -1.12 10.05 16.68
N PHE B 135 -1.74 9.29 15.79
CA PHE B 135 -3.01 9.63 15.14
C PHE B 135 -3.87 8.38 15.05
N VAL B 136 -5.16 8.58 14.78
CA VAL B 136 -6.06 7.52 14.38
C VAL B 136 -6.53 7.78 12.94
N VAL B 137 -6.52 6.72 12.15
CA VAL B 137 -6.86 6.76 10.74
C VAL B 137 -7.90 5.66 10.43
N PRO B 138 -9.00 6.04 9.75
CA PRO B 138 -10.05 5.06 9.43
C PRO B 138 -9.62 4.21 8.25
N VAL B 139 -10.12 2.98 8.16
CA VAL B 139 -9.85 2.11 7.05
C VAL B 139 -11.21 1.52 6.62
N GLY B 140 -11.90 2.22 5.70
CA GLY B 140 -13.12 1.75 5.06
C GLY B 140 -13.01 0.46 4.26
N ASP B 141 -14.17 -0.16 4.01
CA ASP B 141 -14.31 -1.44 3.29
C ASP B 141 -14.27 -1.28 1.73
N SER B 142 -13.21 -0.70 1.19
CA SER B 142 -13.01 -0.70 -0.25
C SER B 142 -11.56 -0.66 -0.52
N ILE B 143 -11.18 -1.02 -1.75
CA ILE B 143 -9.76 -1.07 -2.15
C ILE B 143 -9.21 0.36 -2.14
N GLU B 144 -10.05 1.28 -2.57
CA GLU B 144 -9.76 2.70 -2.58
C GLU B 144 -9.43 3.25 -1.20
N GLU B 145 -10.24 2.90 -0.19
CA GLU B 145 -10.06 3.40 1.17
C GLU B 145 -8.96 2.68 1.91
N ILE B 146 -8.80 1.39 1.66
CA ILE B 146 -7.69 0.65 2.25
C ILE B 146 -6.36 1.31 1.87
N PHE B 147 -6.14 1.50 0.58
CA PHE B 147 -4.85 1.94 0.07
C PHE B 147 -4.68 3.45 0.16
N GLU B 148 -5.79 4.16 0.21
CA GLU B 148 -5.74 5.53 0.63
C GLU B 148 -5.30 5.62 2.10
N ALA B 149 -5.82 4.75 2.98
CA ALA B 149 -5.29 4.68 4.34
C ALA B 149 -3.81 4.27 4.43
N VAL B 150 -3.39 3.35 3.57
CA VAL B 150 -1.99 2.92 3.55
C VAL B 150 -1.09 4.13 3.25
N LYS B 151 -1.53 4.96 2.30
CA LYS B 151 -0.81 6.16 1.92
C LYS B 151 -0.65 7.10 3.11
N GLU B 152 -1.76 7.42 3.78
CA GLU B 152 -1.78 8.11 5.07
C GLU B 152 -0.83 7.54 6.14
N TYR B 153 -0.86 6.23 6.38
CA TYR B 153 0.10 5.65 7.32
C TYR B 153 1.52 6.11 6.95
N ALA B 154 1.87 5.94 5.68
CA ALA B 154 3.20 6.27 5.17
C ALA B 154 3.55 7.74 5.32
N LEU B 155 2.61 8.61 4.99
CA LEU B 155 2.73 10.06 5.13
C LEU B 155 2.90 10.57 6.59
N ILE B 156 2.20 9.92 7.54
CA ILE B 156 2.28 10.23 8.98
C ILE B 156 3.58 9.73 9.54
N THR B 157 3.99 8.53 9.13
CA THR B 157 5.21 7.90 9.60
C THR B 157 6.44 8.67 9.14
N LYS B 158 6.32 9.26 7.96
CA LYS B 158 7.36 10.13 7.42
C LYS B 158 7.67 11.34 8.35
N VAL B 159 6.66 11.88 9.02
CA VAL B 159 6.88 13.06 9.84
C VAL B 159 7.03 12.71 11.30
N GLY B 160 7.14 11.42 11.58
CA GLY B 160 7.42 10.94 12.93
C GLY B 160 6.27 10.26 13.66
N GLY B 161 5.03 10.39 13.20
CA GLY B 161 3.89 9.80 13.91
C GLY B 161 3.77 8.29 14.07
N GLY B 162 3.00 7.82 15.04
CA GLY B 162 2.55 6.44 15.12
C GLY B 162 1.10 6.51 14.72
N VAL B 163 0.49 5.40 14.36
CA VAL B 163 -0.92 5.43 13.90
C VAL B 163 -1.71 4.17 14.33
N GLY B 164 -2.97 4.39 14.70
CA GLY B 164 -3.88 3.31 15.05
C GLY B 164 -5.07 3.27 14.11
N SER B 165 -5.55 2.05 13.80
CA SER B 165 -6.83 1.83 13.12
C SER B 165 -7.60 0.64 13.66
N ASN B 166 -8.92 0.73 13.54
CA ASN B 166 -9.76 -0.40 13.78
C ASN B 166 -10.06 -0.99 12.40
N PHE B 167 -9.77 -2.28 12.22
CA PHE B 167 -9.84 -2.88 10.90
C PHE B 167 -11.14 -3.67 10.74
N SER B 168 -12.09 -3.47 11.66
CA SER B 168 -13.33 -4.26 11.65
C SER B 168 -14.29 -3.94 10.50
N GLU B 169 -14.10 -2.81 9.81
CA GLU B 169 -14.96 -2.54 8.61
C GLU B 169 -14.63 -3.45 7.44
N LEU B 170 -13.42 -4.02 7.45
CA LEU B 170 -13.01 -4.80 6.33
C LEU B 170 -13.78 -6.09 6.43
N ARG B 171 -14.40 -6.47 5.31
CA ARG B 171 -15.25 -7.67 5.26
C ARG B 171 -14.37 -8.90 5.41
N PRO B 172 -14.89 -9.94 6.09
CA PRO B 172 -14.19 -11.15 6.46
C PRO B 172 -13.53 -11.85 5.26
N LYS B 173 -12.43 -12.55 5.49
CA LYS B 173 -11.73 -13.36 4.48
C LYS B 173 -12.75 -14.28 3.80
N GLY B 174 -12.74 -14.30 2.46
CA GLY B 174 -13.53 -15.25 1.66
C GLY B 174 -14.88 -14.70 1.21
N SER B 175 -15.13 -13.47 1.58
CA SER B 175 -16.41 -12.84 1.31
C SER B 175 -16.67 -12.36 -0.15
N PHE B 176 -17.93 -12.17 -0.50
CA PHE B 176 -18.33 -11.77 -1.88
C PHE B 176 -17.98 -10.32 -2.23
N VAL B 177 -17.35 -10.09 -3.38
CA VAL B 177 -17.13 -8.70 -3.81
C VAL B 177 -17.71 -8.46 -5.20
N ALA B 178 -18.61 -7.48 -5.26
CA ALA B 178 -19.29 -7.07 -6.47
C ALA B 178 -18.33 -6.53 -7.49
N GLY B 179 -17.38 -5.68 -7.07
CA GLY B 179 -16.53 -4.91 -8.00
C GLY B 179 -15.35 -5.68 -8.55
N THR B 180 -15.37 -6.99 -8.31
CA THR B 180 -14.21 -7.79 -8.55
C THR B 180 -14.75 -9.19 -8.87
N HIS B 181 -13.91 -10.05 -9.46
CA HIS B 181 -14.24 -11.43 -9.70
C HIS B 181 -13.55 -12.30 -8.65
N GLY B 182 -12.92 -11.67 -7.67
CA GLY B 182 -12.34 -12.37 -6.53
C GLY B 182 -13.15 -12.16 -5.27
N LYS B 183 -12.79 -12.92 -4.23
CA LYS B 183 -13.32 -12.76 -2.85
C LYS B 183 -12.45 -11.87 -1.93
N ALA B 184 -13.12 -11.03 -1.11
CA ALA B 184 -12.48 -10.20 -0.08
C ALA B 184 -11.36 -10.94 0.68
N SER B 185 -10.20 -10.30 0.87
CA SER B 185 -9.04 -10.95 1.48
C SER B 185 -9.13 -10.97 3.03
N GLY B 186 -9.89 -10.08 3.61
CA GLY B 186 -10.06 -10.07 5.07
C GLY B 186 -9.21 -9.02 5.77
N PRO B 187 -9.58 -8.59 7.00
CA PRO B 187 -8.76 -7.48 7.56
C PRO B 187 -7.33 -7.91 7.94
N VAL B 188 -7.14 -9.18 8.30
CA VAL B 188 -5.85 -9.68 8.74
C VAL B 188 -4.82 -9.72 7.61
N SER B 189 -5.26 -10.07 6.40
CA SER B 189 -4.37 -10.05 5.23
C SER B 189 -4.09 -8.64 4.70
N PHE B 190 -5.04 -7.73 4.81
CA PHE B 190 -4.82 -6.36 4.40
C PHE B 190 -3.88 -5.55 5.33
N MET B 191 -3.83 -5.92 6.62
CA MET B 191 -2.86 -5.40 7.59
C MET B 191 -1.43 -5.61 7.18
N HIS B 192 -1.16 -6.66 6.44
CA HIS B 192 0.16 -6.90 5.93
C HIS B 192 0.61 -5.77 4.99
N VAL B 193 -0.30 -5.19 4.20
CA VAL B 193 0.07 -4.11 3.29
C VAL B 193 0.58 -2.94 4.12
N PHE B 194 -0.08 -2.71 5.26
CA PHE B 194 0.25 -1.61 6.19
C PHE B 194 1.61 -1.82 6.85
N ASN B 195 1.90 -3.03 7.28
CA ASN B 195 3.13 -3.33 7.94
C ASN B 195 4.24 -3.09 6.93
N SER B 196 4.13 -3.77 5.79
CA SER B 196 4.95 -3.58 4.61
C SER B 196 5.26 -2.11 4.25
N ALA B 197 4.22 -1.27 4.22
CA ALA B 197 4.39 0.15 4.02
C ALA B 197 5.33 0.79 5.06
N ILE B 198 5.14 0.43 6.33
CA ILE B 198 5.95 0.92 7.44
C ILE B 198 7.37 0.34 7.50
N SER B 199 7.52 -0.92 7.11
CA SER B 199 8.82 -1.52 7.00
C SER B 199 9.81 -0.70 6.13
N VAL B 200 9.24 0.12 5.26
CA VAL B 200 9.94 0.76 4.15
C VAL B 200 10.10 2.29 4.38
N VAL B 201 9.15 2.89 5.10
CA VAL B 201 9.20 4.28 5.58
C VAL B 201 9.86 4.40 6.98
N LYS B 202 11.12 4.81 6.95
CA LYS B 202 11.99 4.79 8.09
C LYS B 202 12.16 6.21 8.71
N GLN B 203 12.52 6.24 10.00
CA GLN B 203 12.52 7.49 10.79
C GLN B 203 13.88 7.82 11.43
N GLY B 204 14.78 6.84 11.48
CA GLY B 204 16.02 6.93 12.26
C GLY B 204 16.44 5.57 12.76
N ARG B 208 11.56 2.98 14.15
CA ARG B 208 10.43 2.93 13.20
C ARG B 208 9.10 3.18 13.89
N GLY B 209 8.06 3.39 13.09
CA GLY B 209 6.70 3.68 13.59
C GLY B 209 6.06 2.54 14.39
N ALA B 210 5.44 2.88 15.53
CA ALA B 210 4.53 1.98 16.24
C ALA B 210 3.10 2.08 15.63
N LEU B 211 2.43 0.94 15.53
CA LEU B 211 1.03 0.92 15.07
C LEU B 211 0.16 0.15 16.02
N MET B 212 -1.10 0.56 16.07
CA MET B 212 -2.13 -0.18 16.77
C MET B 212 -3.07 -0.72 15.71
N GLY B 213 -3.22 -2.04 15.69
CA GLY B 213 -4.28 -2.71 14.91
C GLY B 213 -5.32 -3.32 15.84
N ILE B 214 -6.56 -2.88 15.66
CA ILE B 214 -7.70 -3.35 16.46
C ILE B 214 -8.71 -4.08 15.57
N LEU B 215 -9.20 -5.21 16.02
CA LEU B 215 -10.33 -5.88 15.35
C LEU B 215 -11.34 -6.21 16.45
N ASN B 216 -12.63 -5.98 16.15
CA ASN B 216 -13.71 -6.12 17.10
C ASN B 216 -13.96 -7.56 17.41
N ILE B 217 -14.34 -7.81 18.67
CA ILE B 217 -14.55 -9.17 19.24
C ILE B 217 -15.60 -9.99 18.45
N ASN B 218 -16.49 -9.29 17.74
CA ASN B 218 -17.57 -9.96 17.01
C ASN B 218 -17.41 -10.02 15.51
N HIS B 219 -16.20 -9.75 15.01
CA HIS B 219 -15.89 -9.86 13.60
C HIS B 219 -15.62 -11.32 13.32
N PRO B 220 -16.18 -11.85 12.20
CA PRO B 220 -15.92 -13.24 11.81
C PRO B 220 -14.46 -13.68 11.84
N ASP B 221 -13.50 -12.77 11.67
CA ASP B 221 -12.06 -13.18 11.57
C ASP B 221 -11.26 -13.08 12.86
N ILE B 222 -11.96 -12.92 14.00
CA ILE B 222 -11.31 -12.56 15.25
C ILE B 222 -10.32 -13.62 15.72
N GLU B 223 -10.62 -14.88 15.43
CA GLU B 223 -9.75 -15.96 15.82
C GLU B 223 -8.45 -15.96 15.04
N GLU B 224 -8.54 -15.66 13.75
CA GLU B 224 -7.33 -15.46 12.94
C GLU B 224 -6.51 -14.27 13.52
N PHE B 225 -7.21 -13.17 13.76
CA PHE B 225 -6.65 -11.96 14.36
C PHE B 225 -5.95 -12.19 15.69
N ILE B 226 -6.62 -12.83 16.65
CA ILE B 226 -6.03 -13.18 17.95
C ILE B 226 -4.72 -13.96 17.80
N ASP B 227 -4.62 -14.79 16.78
CA ASP B 227 -3.44 -15.61 16.52
C ASP B 227 -2.54 -14.99 15.47
N ALA B 228 -2.80 -13.77 15.06
CA ALA B 228 -2.09 -13.23 13.92
C ALA B 228 -0.55 -13.24 14.10
N LYS B 229 -0.03 -12.53 15.12
CA LYS B 229 1.42 -12.39 15.34
C LYS B 229 2.04 -13.59 16.06
N LYS B 230 1.82 -14.79 15.52
CA LYS B 230 2.09 -16.01 16.27
C LYS B 230 2.95 -16.98 15.44
N VAL B 237 5.45 -10.39 8.36
CA VAL B 237 4.58 -10.59 9.52
C VAL B 237 3.72 -9.31 9.82
N LEU B 238 3.45 -9.11 11.11
CA LEU B 238 2.78 -7.93 11.61
C LEU B 238 3.62 -7.40 12.74
N ASN B 239 4.94 -7.59 12.61
CA ASN B 239 5.94 -7.23 13.60
C ASN B 239 5.92 -5.77 14.02
N PHE B 240 5.44 -4.89 13.16
CA PHE B 240 5.27 -3.49 13.55
C PHE B 240 3.97 -3.14 14.21
N PHE B 241 3.04 -4.10 14.31
CA PHE B 241 1.79 -3.87 15.04
C PHE B 241 1.78 -4.28 16.50
N ASN B 242 1.20 -3.46 17.35
CA ASN B 242 0.57 -3.95 18.57
C ASN B 242 -0.87 -4.23 18.16
N LEU B 243 -1.43 -5.34 18.64
CA LEU B 243 -2.83 -5.67 18.33
C LEU B 243 -3.62 -5.73 19.61
N SER B 244 -4.86 -5.26 19.55
CA SER B 244 -5.81 -5.40 20.64
C SER B 244 -7.17 -5.82 20.15
N VAL B 245 -7.91 -6.52 21.00
CA VAL B 245 -9.29 -6.92 20.71
C VAL B 245 -10.26 -5.79 21.13
N GLY B 246 -11.05 -5.29 20.19
CA GLY B 246 -12.01 -4.21 20.42
C GLY B 246 -13.32 -4.71 21.02
N PHE B 247 -13.84 -3.98 22.00
CA PHE B 247 -15.17 -4.28 22.56
C PHE B 247 -16.06 -3.07 22.37
N PRO B 248 -16.73 -2.97 21.22
CA PRO B 248 -17.54 -1.75 20.99
C PRO B 248 -18.83 -1.69 21.79
N MET B 249 -19.25 -2.83 22.35
CA MET B 249 -20.48 -2.97 23.14
C MET B 249 -20.16 -2.63 24.61
N ASP B 250 -21.18 -2.58 25.49
CA ASP B 250 -20.95 -2.33 26.90
C ASP B 250 -20.15 -3.44 27.58
N LYS B 251 -19.25 -3.06 28.49
CA LYS B 251 -18.46 -4.03 29.27
C LYS B 251 -19.34 -4.95 30.10
N LYS B 252 -20.40 -4.37 30.67
CA LYS B 252 -21.47 -5.05 31.42
C LYS B 252 -21.99 -6.28 30.68
N GLU B 253 -22.29 -6.05 29.41
CA GLU B 253 -22.88 -7.02 28.52
C GLU B 253 -21.95 -8.17 28.20
N ILE B 254 -20.66 -7.89 28.09
CA ILE B 254 -19.67 -8.95 27.83
C ILE B 254 -19.43 -9.76 29.09
N LEU B 255 -19.37 -9.06 30.23
CA LEU B 255 -19.16 -9.74 31.52
C LEU B 255 -20.31 -10.70 31.83
N LYS B 256 -21.55 -10.22 31.61
CA LYS B 256 -22.80 -11.00 31.73
C LYS B 256 -22.81 -12.25 30.84
N LEU B 257 -22.53 -12.07 29.55
CA LEU B 257 -22.46 -13.18 28.60
C LEU B 257 -21.45 -14.21 29.08
N TYR B 258 -20.36 -13.74 29.67
CA TYR B 258 -19.27 -14.64 30.12
C TYR B 258 -19.72 -15.44 31.34
N GLU B 259 -20.39 -14.75 32.26
CA GLU B 259 -20.91 -15.37 33.49
C GLU B 259 -21.94 -16.46 33.21
N GLU B 260 -22.76 -16.19 32.19
CA GLU B 260 -23.74 -17.14 31.67
C GLU B 260 -23.23 -18.24 30.77
N ASP B 261 -21.92 -18.26 30.48
CA ASP B 261 -21.35 -19.21 29.53
C ASP B 261 -22.03 -19.11 28.18
N GLY B 262 -22.43 -17.90 27.81
CA GLY B 262 -23.04 -17.60 26.52
C GLY B 262 -22.16 -17.59 25.25
N GLU B 263 -22.79 -17.22 24.13
CA GLU B 263 -22.25 -17.42 22.81
C GLU B 263 -22.35 -16.11 22.12
N LEU B 264 -21.33 -15.81 21.32
CA LEU B 264 -21.26 -14.56 20.59
C LEU B 264 -21.46 -14.84 19.12
N GLU B 265 -22.34 -14.05 18.50
CA GLU B 265 -22.46 -14.07 17.05
C GLU B 265 -21.34 -13.25 16.43
N LEU B 266 -20.58 -13.86 15.53
CA LEU B 266 -19.61 -13.18 14.69
C LEU B 266 -20.35 -12.96 13.39
N SER B 267 -20.52 -11.71 13.01
CA SER B 267 -21.11 -11.40 11.73
C SER B 267 -20.54 -10.04 11.25
N HIS B 268 -20.77 -9.75 9.97
CA HIS B 268 -20.33 -8.50 9.35
C HIS B 268 -21.42 -8.03 8.39
N PRO B 269 -21.78 -6.74 8.44
CA PRO B 269 -22.86 -6.22 7.58
C PRO B 269 -22.78 -6.49 6.06
N ARG B 270 -21.56 -6.66 5.51
CA ARG B 270 -21.32 -6.81 4.06
C ARG B 270 -20.69 -8.18 3.76
N SER B 271 -21.09 -9.17 4.55
CA SER B 271 -20.72 -10.57 4.32
C SER B 271 -21.85 -11.48 4.79
N THR B 272 -21.91 -12.70 4.23
CA THR B 272 -22.83 -13.72 4.70
C THR B 272 -22.11 -14.67 5.66
N ILE B 273 -20.79 -14.47 5.85
CA ILE B 273 -20.00 -15.34 6.73
C ILE B 273 -20.40 -15.02 8.18
N ARG B 274 -21.03 -15.99 8.86
CA ARG B 274 -21.19 -15.94 10.32
C ARG B 274 -20.80 -17.21 11.04
N LYS B 275 -20.69 -17.09 12.36
CA LYS B 275 -20.25 -18.17 13.23
C LYS B 275 -20.74 -17.85 14.64
N LYS B 276 -20.94 -18.90 15.44
CA LYS B 276 -21.18 -18.72 16.87
C LYS B 276 -20.04 -19.31 17.64
N VAL B 277 -19.55 -18.53 18.61
CA VAL B 277 -18.48 -19.05 19.44
C VAL B 277 -18.87 -18.86 20.89
N LYS B 278 -18.41 -19.75 21.75
CA LYS B 278 -18.49 -19.48 23.17
C LYS B 278 -17.48 -18.40 23.58
N ILE B 279 -18.03 -17.32 24.15
CA ILE B 279 -17.29 -16.15 24.66
C ILE B 279 -16.20 -16.55 25.66
N ARG B 280 -16.39 -17.67 26.35
CA ARG B 280 -15.38 -18.18 27.28
C ARG B 280 -14.16 -18.73 26.56
N GLU B 281 -14.41 -19.37 25.43
CA GLU B 281 -13.36 -19.98 24.63
C GLU B 281 -12.57 -18.91 23.86
N LEU B 282 -13.28 -17.90 23.36
CA LEU B 282 -12.70 -16.75 22.74
C LEU B 282 -11.76 -16.04 23.72
N PHE B 283 -12.26 -15.74 24.91
CA PHE B 283 -11.45 -15.15 26.00
C PHE B 283 -10.27 -16.00 26.37
N ARG B 284 -10.43 -17.31 26.43
CA ARG B 284 -9.31 -18.21 26.79
C ARG B 284 -8.21 -18.15 25.71
N LYS B 285 -8.65 -18.04 24.47
CA LYS B 285 -7.76 -17.95 23.30
C LYS B 285 -6.97 -16.65 23.33
N ILE B 286 -7.62 -15.54 23.71
CA ILE B 286 -6.96 -14.29 23.97
C ILE B 286 -5.97 -14.37 25.11
N ALA B 287 -6.36 -15.00 26.23
CA ALA B 287 -5.53 -15.07 27.43
C ALA B 287 -4.28 -15.90 27.24
N THR B 288 -4.44 -16.99 26.47
CA THR B 288 -3.36 -17.94 26.21
C THR B 288 -2.26 -17.27 25.39
N ASN B 289 -2.71 -16.44 24.43
CA ASN B 289 -1.83 -15.69 23.59
C ASN B 289 -1.14 -14.56 24.34
N ALA B 290 -1.87 -13.87 25.21
CA ALA B 290 -1.30 -12.81 25.99
C ALA B 290 -0.37 -13.40 27.04
N TRP B 291 -0.78 -14.53 27.62
CA TRP B 291 0.05 -15.27 28.57
C TRP B 291 1.42 -15.58 27.96
N LYS B 292 1.46 -15.96 26.69
CA LYS B 292 2.68 -16.23 25.91
C LYS B 292 3.51 -15.03 25.43
N SER B 293 2.83 -14.05 24.83
CA SER B 293 3.50 -13.08 24.04
C SER B 293 3.14 -11.68 24.48
N GLY B 294 2.16 -11.52 25.36
CA GLY B 294 1.69 -10.18 25.72
C GLY B 294 0.62 -9.57 24.84
N ASP B 295 0.51 -9.93 23.57
CA ASP B 295 -0.56 -9.46 22.70
C ASP B 295 -1.61 -10.58 22.56
N PRO B 296 -2.87 -10.23 22.23
CA PRO B 296 -3.41 -8.87 22.09
C PRO B 296 -3.99 -8.28 23.38
N GLY B 297 -3.83 -7.00 23.58
CA GLY B 297 -4.56 -6.33 24.67
C GLY B 297 -6.06 -6.24 24.37
N LEU B 298 -6.81 -5.59 25.29
CA LEU B 298 -8.26 -5.42 25.14
C LEU B 298 -8.53 -3.96 25.13
N ALA B 299 -9.36 -3.51 24.18
CA ALA B 299 -9.84 -2.12 24.07
C ALA B 299 -11.34 -1.98 24.31
N PHE B 300 -11.70 -1.36 25.42
CA PHE B 300 -13.10 -1.21 25.76
C PHE B 300 -13.65 0.05 25.12
N LEU B 301 -13.80 -0.06 23.81
CA LEU B 301 -14.30 1.02 22.96
C LEU B 301 -15.63 1.60 23.42
N GLY B 302 -16.56 0.71 23.78
CA GLY B 302 -17.85 1.11 24.35
C GLY B 302 -17.72 2.00 25.55
N GLU B 303 -16.87 1.59 26.48
CA GLU B 303 -16.55 2.37 27.65
C GLU B 303 -15.88 3.74 27.35
N MET B 304 -15.09 3.83 26.28
CA MET B 304 -14.46 5.10 25.93
C MET B 304 -15.53 6.01 25.35
N ASN B 305 -16.49 5.39 24.63
CA ASN B 305 -17.60 6.13 23.97
C ASN B 305 -18.66 6.60 25.01
N LYS B 306 -18.86 5.79 26.03
CA LYS B 306 -19.72 6.14 27.15
C LYS B 306 -19.34 7.52 27.72
N TYR B 307 -18.05 7.87 27.63
CA TYR B 307 -17.49 9.10 28.24
C TYR B 307 -16.98 10.08 27.24
N TYR B 308 -17.31 9.84 25.97
CA TYR B 308 -16.88 10.68 24.90
C TYR B 308 -17.91 11.79 24.72
N PRO B 309 -17.53 13.04 24.99
CA PRO B 309 -18.46 14.19 24.84
C PRO B 309 -19.19 14.29 23.50
N LEU B 310 -18.68 13.66 22.44
CA LEU B 310 -19.25 13.84 21.08
C LEU B 310 -19.87 12.58 20.55
N TYR B 311 -20.05 11.59 21.41
CA TYR B 311 -20.68 10.34 21.01
C TYR B 311 -22.21 10.57 21.00
N PRO B 312 -22.93 10.16 19.92
CA PRO B 312 -22.58 9.44 18.68
C PRO B 312 -22.39 10.28 17.43
N HIS B 313 -22.36 11.60 17.57
CA HIS B 313 -22.05 12.46 16.42
C HIS B 313 -20.69 12.02 15.88
N ARG B 314 -19.73 11.83 16.80
CA ARG B 314 -18.46 11.18 16.47
C ARG B 314 -18.28 9.92 17.33
N LYS B 315 -17.44 9.02 16.87
CA LYS B 315 -17.28 7.74 17.51
C LYS B 315 -15.80 7.39 17.64
N ILE B 316 -15.43 6.85 18.78
CA ILE B 316 -14.09 6.36 19.03
C ILE B 316 -14.01 4.89 18.66
N ASN B 317 -13.24 4.63 17.61
CA ASN B 317 -13.03 3.31 17.04
C ASN B 317 -11.67 2.75 17.34
N SER B 318 -10.69 3.61 17.60
CA SER B 318 -9.36 3.08 17.86
C SER B 318 -8.59 3.84 18.94
N THR B 319 -7.57 3.17 19.48
CA THR B 319 -6.58 3.91 20.26
C THR B 319 -5.33 4.17 19.46
N ASN B 320 -4.45 4.99 20.03
CA ASN B 320 -3.12 5.18 19.51
C ASN B 320 -2.28 3.93 19.90
N PRO B 321 -1.11 3.73 19.30
CA PRO B 321 -0.39 2.48 19.56
C PRO B 321 -0.23 2.10 21.03
N CYS B 322 -0.20 3.06 21.95
CA CYS B 322 -0.05 2.74 23.37
C CYS B 322 -1.37 2.69 24.17
N GLY B 323 -2.48 3.00 23.49
CA GLY B 323 -3.81 2.76 24.01
C GLY B 323 -4.36 3.75 25.00
N GLU B 324 -3.56 4.77 25.33
CA GLU B 324 -3.96 5.76 26.36
C GLU B 324 -4.85 6.93 25.86
N ILE B 325 -5.05 7.05 24.54
CA ILE B 325 -5.99 8.05 23.99
C ILE B 325 -6.89 7.28 23.05
N GLY B 326 -8.18 7.34 23.30
CA GLY B 326 -9.10 6.81 22.32
C GLY B 326 -9.32 8.02 21.45
N LEU B 327 -9.14 7.86 20.14
CA LEU B 327 -9.25 9.00 19.24
C LEU B 327 -10.30 8.67 18.20
N SER B 328 -11.06 9.70 17.80
CA SER B 328 -11.97 9.57 16.66
C SER B 328 -11.14 9.85 15.39
N ASP B 329 -11.72 9.63 14.22
CA ASP B 329 -10.93 9.65 12.97
C ASP B 329 -10.17 10.95 12.77
N TYR B 330 -8.86 10.83 12.48
CA TYR B 330 -7.97 11.94 12.14
C TYR B 330 -7.54 12.84 13.32
N GLU B 331 -8.05 12.55 14.52
CA GLU B 331 -7.58 13.24 15.71
C GLU B 331 -6.13 12.84 16.02
N ALA B 332 -5.47 13.67 16.82
CA ALA B 332 -4.06 13.50 17.22
C ALA B 332 -3.83 13.47 18.75
N CYS B 333 -2.81 12.73 19.16
CA CYS B 333 -2.33 12.71 20.54
C CYS B 333 -1.70 14.05 20.78
N ASN B 334 -2.10 14.77 21.84
CA ASN B 334 -1.38 16.00 22.21
C ASN B 334 -0.98 16.00 23.67
N LEU B 335 0.20 15.44 23.96
CA LEU B 335 0.58 14.95 25.29
C LEU B 335 1.66 15.73 25.99
N GLY B 336 1.65 15.69 27.32
CA GLY B 336 2.72 16.26 28.14
C GLY B 336 2.48 15.87 29.58
N SER B 337 3.54 15.87 30.39
CA SER B 337 3.42 15.28 31.70
C SER B 337 4.04 16.11 32.79
N ILE B 338 3.35 16.17 33.93
CA ILE B 338 3.94 16.79 35.11
C ILE B 338 4.71 15.76 35.97
N ASP B 339 5.96 16.07 36.31
CA ASP B 339 6.68 15.28 37.28
C ASP B 339 6.20 15.56 38.70
N VAL B 340 5.24 14.77 39.18
CA VAL B 340 4.70 14.96 40.52
C VAL B 340 5.70 14.70 41.65
N ALA B 341 6.76 13.92 41.39
CA ALA B 341 7.79 13.68 42.40
C ALA B 341 8.48 14.98 42.85
N LYS B 342 8.45 16.02 42.00
CA LYS B 342 9.07 17.31 42.30
C LYS B 342 8.15 18.15 43.14
N PHE B 343 6.93 17.68 43.40
CA PHE B 343 5.99 18.44 44.23
C PHE B 343 5.86 17.94 45.66
N TYR B 344 6.75 17.04 46.05
CA TYR B 344 6.84 16.57 47.43
C TYR B 344 7.43 17.68 48.30
N ASN B 345 6.75 17.97 49.41
CA ASN B 345 7.16 19.01 50.33
C ASN B 345 6.73 18.66 51.77
N ASN B 346 7.73 18.19 52.54
CA ASN B 346 7.58 17.72 53.94
C ASN B 346 6.42 16.79 54.21
N GLY B 347 6.48 15.60 53.62
CA GLY B 347 5.43 14.62 53.79
C GLY B 347 4.10 14.91 53.10
N PHE B 348 4.05 15.97 52.28
CA PHE B 348 2.85 16.32 51.51
C PHE B 348 3.11 16.73 50.06
N VAL B 349 2.05 16.64 49.27
CA VAL B 349 2.04 17.16 47.90
C VAL B 349 1.61 18.62 47.94
N ASP B 350 2.50 19.50 47.48
CA ASP B 350 2.26 20.94 47.39
C ASP B 350 1.22 21.23 46.31
N LEU B 351 -0.03 21.20 46.72
CA LEU B 351 -1.16 21.52 45.84
C LEU B 351 -1.21 22.98 45.37
N GLU B 352 -0.55 23.89 46.07
CA GLU B 352 -0.57 25.28 45.66
C GLU B 352 0.24 25.47 44.39
N ALA B 353 1.48 24.97 44.39
CA ALA B 353 2.37 25.00 43.21
C ALA B 353 1.84 24.13 42.07
N LEU B 354 1.26 22.97 42.42
CA LEU B 354 0.69 22.03 41.45
C LEU B 354 -0.50 22.62 40.70
N GLN B 355 -1.39 23.27 41.42
CA GLN B 355 -2.46 23.99 40.76
C GLN B 355 -2.02 25.06 39.75
N GLU B 356 -0.94 25.81 40.04
CA GLU B 356 -0.44 26.82 39.09
C GLU B 356 0.07 26.13 37.81
N LEU B 357 0.92 25.12 37.99
CA LEU B 357 1.45 24.30 36.89
C LEU B 357 0.36 23.62 36.07
N VAL B 358 -0.70 23.14 36.70
CA VAL B 358 -1.78 22.59 35.91
C VAL B 358 -2.33 23.60 34.92
N GLN B 359 -2.55 24.83 35.38
CA GLN B 359 -3.14 25.90 34.54
C GLN B 359 -2.19 26.26 33.43
N ILE B 360 -0.89 26.26 33.73
CA ILE B 360 0.12 26.59 32.73
C ILE B 360 0.24 25.47 31.69
N ALA B 361 0.11 24.23 32.16
CA ALA B 361 0.38 23.02 31.36
C ALA B 361 -0.75 22.79 30.38
N VAL B 362 -1.96 23.08 30.82
CA VAL B 362 -3.12 23.09 29.91
C VAL B 362 -2.97 24.15 28.81
N ARG B 363 -2.52 25.33 29.19
CA ARG B 363 -2.35 26.41 28.22
C ARG B 363 -1.27 26.06 27.22
N PHE B 364 -0.12 25.60 27.73
CA PHE B 364 0.96 25.09 26.90
C PHE B 364 0.49 24.08 25.83
N LEU B 365 -0.20 23.00 26.27
CA LEU B 365 -0.62 21.91 25.36
C LEU B 365 -1.64 22.40 24.33
N ASP B 366 -2.52 23.31 24.77
CA ASP B 366 -3.50 23.91 23.90
C ASP B 366 -2.85 24.83 22.85
N ASN B 367 -1.79 25.54 23.24
CA ASN B 367 -0.96 26.32 22.31
C ASN B 367 -0.13 25.44 21.34
N VAL B 368 0.16 24.20 21.70
CA VAL B 368 0.88 23.31 20.77
C VAL B 368 0.04 23.06 19.49
N ILE B 369 -1.26 22.88 19.66
CA ILE B 369 -2.17 22.72 18.55
C ILE B 369 -1.94 23.79 17.50
N ASP B 370 -1.91 25.05 17.96
CA ASP B 370 -1.74 26.24 17.10
C ASP B 370 -0.42 26.36 16.31
N VAL B 371 0.65 25.77 16.81
CA VAL B 371 1.91 25.83 16.13
C VAL B 371 2.29 24.47 15.47
N ASN B 372 1.40 23.49 15.60
CA ASN B 372 1.56 22.18 15.00
C ASN B 372 1.27 22.18 13.51
N VAL B 373 2.19 21.61 12.75
CA VAL B 373 1.94 21.35 11.34
C VAL B 373 1.58 19.87 11.12
N PHE B 374 0.36 19.60 10.71
CA PHE B 374 -0.08 18.22 10.56
C PHE B 374 0.15 17.76 9.12
N PRO B 375 0.31 16.43 8.91
CA PRO B 375 0.57 15.90 7.56
C PRO B 375 -0.61 15.88 6.60
N ILE B 376 -1.83 15.62 7.08
CA ILE B 376 -3.03 15.57 6.22
C ILE B 376 -3.94 16.73 6.64
N ASP B 377 -4.65 17.31 5.67
CA ASP B 377 -5.65 18.32 5.95
C ASP B 377 -6.71 17.84 6.91
N LYS B 378 -7.08 16.58 6.79
CA LYS B 378 -8.16 16.02 7.60
C LYS B 378 -7.77 15.97 9.09
N ILE B 379 -6.49 15.77 9.38
CA ILE B 379 -6.00 15.78 10.74
C ILE B 379 -6.07 17.16 11.34
N THR B 380 -5.59 18.14 10.60
CA THR B 380 -5.72 19.56 10.97
C THR B 380 -7.14 19.88 11.40
N LYS B 381 -8.11 19.43 10.62
CA LYS B 381 -9.53 19.69 10.84
C LYS B 381 -10.09 19.01 12.09
N ALA B 382 -9.91 17.70 12.18
CA ALA B 382 -10.30 16.94 13.36
C ALA B 382 -9.68 17.49 14.66
N VAL B 383 -8.47 18.03 14.58
CA VAL B 383 -7.78 18.53 15.76
C VAL B 383 -8.22 19.95 16.14
N LYS B 384 -8.42 20.79 15.13
CA LYS B 384 -8.86 22.17 15.35
C LYS B 384 -10.25 22.16 15.96
N GLU B 385 -11.05 21.19 15.54
CA GLU B 385 -12.44 21.08 15.95
C GLU B 385 -12.72 20.60 17.34
N SER B 386 -11.82 19.81 17.93
CA SER B 386 -12.08 19.24 19.24
C SER B 386 -11.05 19.73 20.26
N ARG B 387 -9.86 20.06 19.78
CA ARG B 387 -8.75 20.45 20.67
C ARG B 387 -8.52 19.51 21.89
N ARG B 388 -8.68 18.20 21.70
CA ARG B 388 -8.36 17.20 22.73
C ARG B 388 -6.90 17.35 23.22
N LEU B 389 -6.71 17.38 24.54
CA LEU B 389 -5.37 17.45 25.12
C LEU B 389 -5.10 16.17 25.91
N GLY B 390 -3.84 15.90 26.16
CA GLY B 390 -3.47 14.75 26.94
C GLY B 390 -2.50 15.18 28.01
N LEU B 391 -2.96 15.95 28.98
CA LEU B 391 -2.11 16.23 30.15
C LEU B 391 -2.02 15.06 31.11
N GLY B 392 -0.80 14.59 31.43
CA GLY B 392 -0.66 13.49 32.40
C GLY B 392 0.36 13.72 33.52
N ILE B 393 0.78 12.62 34.14
CA ILE B 393 1.82 12.71 35.17
C ILE B 393 2.91 11.67 34.95
N MET B 394 4.07 11.97 35.48
CA MET B 394 5.13 11.02 35.65
C MET B 394 5.58 11.23 37.08
N GLY B 395 6.53 10.41 37.51
CA GLY B 395 7.17 10.58 38.82
C GLY B 395 6.34 10.10 39.95
N PHE B 396 5.18 9.51 39.66
CA PHE B 396 4.23 9.05 40.69
C PHE B 396 4.77 7.95 41.62
N ALA B 397 5.44 6.97 41.04
CA ALA B 397 6.08 5.93 41.85
C ALA B 397 7.06 6.50 42.87
N ASP B 398 7.90 7.43 42.41
CA ASP B 398 8.93 8.12 43.22
C ASP B 398 8.28 9.04 44.24
N LEU B 399 7.22 9.72 43.84
CA LEU B 399 6.41 10.49 44.76
C LEU B 399 5.92 9.62 45.91
N LEU B 400 5.45 8.40 45.64
CA LEU B 400 5.00 7.49 46.69
C LEU B 400 6.15 7.01 47.64
N TYR B 401 7.32 6.74 47.07
CA TYR B 401 8.51 6.45 47.87
C TYR B 401 8.77 7.58 48.88
N LYS B 402 8.80 8.84 48.41
CA LYS B 402 9.02 10.03 49.28
C LYS B 402 7.98 10.12 50.39
N LEU B 403 6.74 9.85 50.06
CA LEU B 403 5.65 9.91 51.02
C LEU B 403 5.61 8.65 51.90
N GLU B 404 6.47 7.68 51.59
CA GLU B 404 6.50 6.37 52.27
C GLU B 404 5.17 5.63 52.20
N ILE B 405 4.48 5.68 51.04
CA ILE B 405 3.25 4.93 50.75
C ILE B 405 3.57 3.71 49.84
N PRO B 406 3.19 2.49 50.28
CA PRO B 406 3.35 1.31 49.40
C PRO B 406 2.44 1.38 48.19
N TYR B 407 3.01 1.14 47.01
CA TYR B 407 2.24 1.16 45.76
C TYR B 407 1.08 0.19 45.79
N ASN B 408 1.35 -0.99 46.32
CA ASN B 408 0.36 -2.04 46.46
C ASN B 408 -0.41 -1.94 47.79
N SER B 409 -1.18 -0.86 47.93
CA SER B 409 -1.93 -0.62 49.15
C SER B 409 -3.09 0.25 48.78
N GLN B 410 -4.19 0.09 49.51
CA GLN B 410 -5.33 0.99 49.38
C GLN B 410 -4.99 2.46 49.68
N GLU B 411 -4.01 2.67 50.55
CA GLU B 411 -3.53 4.01 50.83
C GLU B 411 -3.07 4.71 49.53
N ALA B 412 -2.18 4.05 48.81
CA ALA B 412 -1.68 4.52 47.51
C ALA B 412 -2.78 4.84 46.49
N ARG B 413 -3.84 4.04 46.47
CA ARG B 413 -4.84 4.16 45.46
C ARG B 413 -5.80 5.31 45.76
N ASP B 414 -5.98 5.56 47.06
CA ASP B 414 -6.76 6.67 47.56
C ASP B 414 -5.97 7.94 47.35
N PHE B 415 -4.70 7.91 47.71
CA PHE B 415 -3.82 9.00 47.28
C PHE B 415 -3.92 9.33 45.75
N ALA B 416 -3.79 8.30 44.90
CA ALA B 416 -3.82 8.44 43.44
C ALA B 416 -5.10 9.07 42.91
N ALA B 417 -6.24 8.63 43.41
CA ALA B 417 -7.54 9.18 42.98
C ALA B 417 -7.73 10.65 43.36
N ASN B 418 -7.33 11.04 44.58
CA ASN B 418 -7.43 12.46 44.99
C ASN B 418 -6.46 13.34 44.26
N LEU B 419 -5.23 12.84 44.09
CA LEU B 419 -4.24 13.51 43.26
C LEU B 419 -4.81 13.73 41.85
N MET B 420 -5.39 12.67 41.25
CA MET B 420 -5.89 12.75 39.88
C MET B 420 -7.12 13.65 39.74
N ALA B 421 -8.06 13.50 40.67
CA ALA B 421 -9.24 14.38 40.79
C ALA B 421 -8.84 15.83 40.98
N PHE B 422 -7.84 16.12 41.80
CA PHE B 422 -7.38 17.51 41.97
C PHE B 422 -6.85 18.07 40.64
N ILE B 423 -6.05 17.26 39.94
CA ILE B 423 -5.53 17.61 38.62
C ILE B 423 -6.62 17.81 37.61
N ALA B 424 -7.58 16.88 37.55
CA ALA B 424 -8.69 17.00 36.60
C ALA B 424 -9.48 18.29 36.82
N LEU B 425 -9.81 18.59 38.09
CA LEU B 425 -10.54 19.81 38.48
C LEU B 425 -9.93 21.07 37.89
N HIS B 426 -8.67 21.30 38.18
CA HIS B 426 -8.00 22.51 37.73
C HIS B 426 -7.71 22.58 36.24
N ALA B 427 -7.50 21.40 35.65
CA ALA B 427 -7.29 21.26 34.22
C ALA B 427 -8.58 21.61 33.50
N HIS B 428 -9.70 21.10 33.99
CA HIS B 428 -11.00 21.45 33.40
C HIS B 428 -11.43 22.91 33.68
N ARG B 429 -11.25 23.41 34.91
CA ARG B 429 -11.37 24.85 35.21
C ARG B 429 -10.58 25.67 34.20
N THR B 430 -9.30 25.37 34.03
CA THR B 430 -8.41 26.04 33.05
C THR B 430 -8.92 26.03 31.62
N SER B 431 -9.67 24.99 31.24
CA SER B 431 -10.31 24.89 29.92
C SER B 431 -11.57 25.81 29.77
N TYR B 432 -12.34 25.97 30.86
CA TYR B 432 -13.30 27.10 31.03
C TYR B 432 -12.65 28.45 30.77
N GLU B 433 -11.71 28.83 31.63
CA GLU B 433 -10.91 30.03 31.52
C GLU B 433 -10.44 30.31 30.09
N LEU B 434 -9.96 29.28 29.40
CA LEU B 434 -9.38 29.43 28.06
C LEU B 434 -10.43 29.47 26.98
N GLY B 435 -11.52 28.74 27.20
CA GLY B 435 -12.67 28.82 26.33
C GLY B 435 -13.29 30.22 26.34
N LYS B 436 -13.18 30.89 27.50
CA LYS B 436 -13.61 32.28 27.71
C LYS B 436 -12.68 33.24 26.98
N GLU B 437 -11.39 33.14 27.29
CA GLU B 437 -10.35 34.01 26.76
C GLU B 437 -10.08 33.94 25.26
N LYS B 438 -10.32 32.79 24.67
CA LYS B 438 -9.79 32.43 23.35
C LYS B 438 -10.87 31.92 22.41
N GLY B 439 -11.97 31.45 22.98
CA GLY B 439 -13.03 30.83 22.17
C GLY B 439 -13.13 29.33 22.39
N ASN B 440 -14.35 28.82 22.28
CA ASN B 440 -14.62 27.43 22.58
C ASN B 440 -14.15 26.55 21.45
N PHE B 441 -13.99 25.25 21.70
CA PHE B 441 -13.65 24.33 20.62
C PHE B 441 -14.87 24.25 19.73
N PRO B 442 -14.65 24.36 18.40
CA PRO B 442 -15.77 24.40 17.46
C PRO B 442 -16.98 23.53 17.83
N LEU B 443 -16.77 22.28 18.24
CA LEU B 443 -17.92 21.39 18.41
C LEU B 443 -18.55 21.38 19.79
N LEU B 444 -18.23 22.36 20.64
CA LEU B 444 -18.86 22.48 21.98
C LEU B 444 -20.41 22.35 21.96
N GLU B 445 -21.03 22.99 20.96
CA GLU B 445 -22.49 23.10 20.88
C GLU B 445 -23.19 21.75 20.65
N ILE B 446 -22.54 20.86 19.88
CA ILE B 446 -23.10 19.51 19.62
C ILE B 446 -22.63 18.46 20.64
N SER B 447 -21.81 18.90 21.60
CA SER B 447 -21.21 17.99 22.57
C SER B 447 -22.06 17.87 23.85
N ARG B 448 -21.88 16.74 24.53
CA ARG B 448 -22.63 16.43 25.74
C ARG B 448 -22.44 17.40 26.90
N TYR B 449 -21.35 18.15 26.92
CA TYR B 449 -21.20 19.23 27.93
C TYR B 449 -22.32 20.28 27.77
N ARG B 450 -22.90 20.32 26.56
CA ARG B 450 -23.91 21.31 26.20
C ARG B 450 -25.30 20.68 26.19
N THR B 451 -25.46 19.66 25.35
CA THR B 451 -26.74 18.99 25.11
C THR B 451 -27.20 18.07 26.23
N GLU B 452 -26.69 18.26 27.44
CA GLU B 452 -26.97 17.29 28.49
C GLU B 452 -26.92 17.93 29.85
N ASP B 453 -27.57 17.26 30.80
CA ASP B 453 -27.45 17.63 32.19
C ASP B 453 -26.58 16.57 32.87
N ASN B 454 -25.59 17.07 33.61
CA ASN B 454 -24.80 16.24 34.51
C ASN B 454 -23.74 15.32 33.85
N PHE B 455 -23.41 15.59 32.58
CA PHE B 455 -22.36 14.84 31.88
C PHE B 455 -21.00 15.10 32.50
N VAL B 456 -20.41 14.04 33.06
CA VAL B 456 -19.02 14.02 33.51
C VAL B 456 -18.28 13.04 32.59
N PRO B 457 -17.10 13.42 32.07
CA PRO B 457 -16.32 12.56 31.17
C PRO B 457 -15.46 11.49 31.85
N PHE B 458 -15.74 11.16 33.10
CA PHE B 458 -15.13 10.00 33.76
C PHE B 458 -15.99 9.48 34.96
N ALA B 459 -15.70 8.27 35.45
CA ALA B 459 -16.45 7.63 36.50
C ALA B 459 -16.45 8.36 37.82
N MET B 460 -15.33 8.97 38.25
CA MET B 460 -15.17 9.46 39.63
C MET B 460 -15.51 8.40 40.71
N GLY B 461 -15.74 8.84 41.93
CA GLY B 461 -16.38 7.99 42.91
C GLY B 461 -15.41 7.53 43.93
N MET B 462 -14.25 8.19 43.98
CA MET B 462 -13.19 7.86 44.92
C MET B 462 -12.47 9.11 45.42
N SER B 463 -13.19 10.24 45.50
CA SER B 463 -12.58 11.46 45.97
C SER B 463 -13.56 12.52 46.55
N ASN B 464 -13.05 13.29 47.50
CA ASN B 464 -13.75 14.43 48.07
C ASN B 464 -13.93 15.60 47.09
N TYR B 465 -13.19 15.55 45.97
CA TYR B 465 -13.27 16.59 44.93
C TYR B 465 -14.45 16.43 43.99
N ASP B 466 -15.21 15.33 44.13
CA ASP B 466 -16.25 14.98 43.17
C ASP B 466 -17.23 16.10 42.87
N ASP B 467 -17.75 16.72 43.94
CA ASP B 467 -18.76 17.77 43.81
C ASP B 467 -18.24 19.00 43.13
N GLU B 468 -17.02 19.42 43.49
CA GLU B 468 -16.39 20.57 42.84
C GLU B 468 -16.16 20.33 41.34
N ILE B 469 -15.98 19.07 40.95
CA ILE B 469 -15.76 18.67 39.56
C ILE B 469 -17.07 18.67 38.77
N ARG B 470 -18.15 18.14 39.35
CA ARG B 470 -19.47 18.29 38.74
C ARG B 470 -19.83 19.76 38.55
N GLU B 471 -19.37 20.59 39.48
CA GLU B 471 -19.63 22.01 39.44
C GLU B 471 -18.92 22.60 38.22
N VAL B 472 -17.62 22.30 38.07
CA VAL B 472 -16.88 22.80 36.90
C VAL B 472 -17.39 22.23 35.59
N MET B 473 -17.83 20.98 35.62
CA MET B 473 -18.37 20.40 34.40
C MET B 473 -19.61 21.14 33.93
N LYS B 474 -20.38 21.70 34.88
CA LYS B 474 -21.58 22.50 34.59
C LYS B 474 -21.25 23.86 33.96
N MET B 475 -20.30 24.56 34.59
CA MET B 475 -19.75 25.80 34.05
C MET B 475 -19.34 25.69 32.58
N THR B 476 -18.84 24.51 32.20
CA THR B 476 -18.23 24.32 30.90
C THR B 476 -19.28 24.02 29.85
N LYS B 477 -20.53 24.22 30.23
CA LYS B 477 -21.62 24.28 29.24
C LYS B 477 -21.44 25.57 28.44
N GLU B 478 -20.97 26.62 29.12
CA GLU B 478 -20.79 27.94 28.53
C GLU B 478 -19.42 28.13 27.85
N PHE B 479 -18.36 27.81 28.58
CA PHE B 479 -17.04 28.06 28.09
C PHE B 479 -16.16 26.80 28.23
N ARG B 480 -15.68 26.30 27.09
CA ARG B 480 -14.77 25.14 27.07
C ARG B 480 -13.85 25.09 25.86
N ARG B 481 -12.56 25.21 26.11
CA ARG B 481 -11.54 25.23 25.08
C ARG B 481 -11.27 23.84 24.46
N ASN B 482 -11.53 22.78 25.23
CA ASN B 482 -11.06 21.42 24.88
C ASN B 482 -12.05 20.33 25.22
N VAL B 483 -12.29 19.43 24.27
CA VAL B 483 -13.21 18.30 24.47
C VAL B 483 -12.81 17.33 25.61
N ALA B 484 -11.50 17.18 25.84
CA ALA B 484 -10.96 16.35 26.91
C ALA B 484 -9.56 16.85 27.16
N LEU B 485 -9.03 16.56 28.34
CA LEU B 485 -7.80 17.21 28.75
C LEU B 485 -6.72 16.28 29.34
N LEU B 486 -7.09 15.07 29.76
CA LEU B 486 -6.19 14.24 30.57
C LEU B 486 -5.89 12.88 30.00
N THR B 487 -4.68 12.41 30.24
CA THR B 487 -4.28 11.11 29.80
C THR B 487 -3.14 10.61 30.69
N ILE B 488 -2.94 9.32 30.84
CA ILE B 488 -1.68 8.86 31.44
C ILE B 488 -0.95 7.95 30.48
N ALA B 489 0.16 8.52 30.02
CA ALA B 489 0.99 8.05 28.93
C ALA B 489 2.12 7.22 29.52
N PRO B 490 2.74 6.33 28.74
CA PRO B 490 3.92 5.61 29.28
C PRO B 490 5.08 6.53 29.70
N THR B 491 5.37 7.58 28.93
CA THR B 491 6.44 8.57 29.27
C THR B 491 7.89 8.09 29.46
N GLY B 492 8.33 7.01 28.83
CA GLY B 492 9.68 6.49 29.04
C GLY B 492 10.83 7.46 28.85
N SER B 493 10.95 8.02 27.64
CA SER B 493 11.97 9.04 27.34
C SER B 493 11.93 10.32 28.16
N ILE B 494 10.75 10.96 28.29
CA ILE B 494 10.64 12.26 28.99
C ILE B 494 10.77 12.13 30.48
N SER B 495 10.51 10.94 31.03
CA SER B 495 10.76 10.74 32.44
C SER B 495 12.23 10.49 32.69
N ASN B 496 12.92 9.87 31.73
CA ASN B 496 14.39 9.73 31.71
C ASN B 496 15.08 11.12 31.70
N ILE B 497 14.58 12.02 30.85
CA ILE B 497 15.00 13.41 30.81
C ILE B 497 14.76 14.10 32.15
N ALA B 498 13.56 13.90 32.71
CA ALA B 498 13.20 14.48 34.00
C ALA B 498 13.79 13.76 35.21
N ASP B 499 14.53 12.66 34.98
CA ASP B 499 15.10 11.86 36.07
C ASP B 499 14.05 11.36 37.07
N THR B 500 12.93 10.82 36.57
CA THR B 500 11.81 10.42 37.44
C THR B 500 11.20 9.07 37.01
N SER B 501 10.39 8.43 37.87
CA SER B 501 9.65 7.25 37.42
C SER B 501 8.69 7.57 36.24
N SER B 502 8.32 6.55 35.48
CA SER B 502 7.47 6.73 34.28
C SER B 502 6.02 6.64 34.62
N GLY B 503 5.26 7.63 34.14
CA GLY B 503 3.81 7.62 34.23
C GLY B 503 3.34 7.39 35.60
N LEU B 504 2.27 6.59 35.72
CA LEU B 504 1.82 6.03 37.02
C LEU B 504 2.51 4.69 37.39
N GLU B 505 3.35 4.14 36.53
CA GLU B 505 3.97 2.82 36.75
C GLU B 505 4.85 2.80 37.97
N PRO B 506 4.83 1.69 38.71
CA PRO B 506 5.83 1.57 39.77
C PRO B 506 7.17 1.45 39.10
N ASN B 507 8.27 1.67 39.81
CA ASN B 507 9.55 1.42 39.22
C ASN B 507 9.63 -0.03 38.82
N PHE B 508 10.25 -0.31 37.67
CA PHE B 508 10.52 -1.69 37.34
C PHE B 508 11.65 -2.28 38.18
N LEU B 509 12.73 -1.50 38.34
CA LEU B 509 13.89 -1.93 39.12
C LEU B 509 14.42 -0.75 39.95
N LEU B 510 15.03 -1.07 41.08
CA LEU B 510 15.60 -0.05 41.95
C LEU B 510 17.08 0.17 41.66
N ALA B 511 17.74 -0.87 41.18
CA ALA B 511 19.13 -0.78 40.80
C ALA B 511 19.30 -1.57 39.53
N TYR B 512 20.14 -1.05 38.61
CA TYR B 512 20.41 -1.70 37.32
C TYR B 512 21.43 -1.03 36.40
N THR B 513 21.32 -1.43 35.12
CA THR B 513 21.91 -0.83 33.90
C THR B 513 20.90 -0.86 32.71
N ARG B 514 20.58 0.29 32.14
CA ARG B 514 19.56 0.41 31.06
C ARG B 514 20.13 0.28 29.62
N LEU B 527 25.24 2.16 35.67
CA LEU B 527 23.99 2.82 36.07
C LEU B 527 23.61 2.31 37.50
N TYR B 528 22.36 2.42 38.00
CA TYR B 528 21.26 3.38 37.69
C TYR B 528 20.40 3.47 38.94
N VAL B 529 21.01 3.26 40.14
CA VAL B 529 20.32 3.24 41.48
C VAL B 529 19.29 4.34 41.73
N ASN B 530 18.08 3.93 42.10
CA ASN B 530 16.98 4.86 42.39
C ASN B 530 17.35 5.94 43.40
N GLN B 531 17.08 7.19 43.03
CA GLN B 531 17.57 8.32 43.81
C GLN B 531 16.88 8.42 45.16
N VAL B 532 15.56 8.27 45.20
CA VAL B 532 14.85 8.27 46.49
C VAL B 532 15.38 7.17 47.46
N LEU B 533 15.67 5.99 46.95
CA LEU B 533 16.23 4.95 47.82
C LEU B 533 17.59 5.35 48.32
N ARG B 534 18.40 5.94 47.43
CA ARG B 534 19.74 6.38 47.81
C ARG B 534 19.69 7.28 49.03
N GLU B 535 18.63 8.08 49.12
CA GLU B 535 18.44 9.05 50.20
C GLU B 535 17.91 8.43 51.50
N LYS B 536 16.90 7.55 51.44
CA LYS B 536 16.42 6.89 52.66
C LYS B 536 17.42 5.84 53.15
N LEU B 537 17.44 4.65 52.54
CA LEU B 537 18.37 3.56 52.89
C LEU B 537 19.80 4.02 53.19
N ASN B 538 20.23 3.75 54.43
CA ASN B 538 21.55 4.10 54.92
C ASN B 538 22.69 3.79 53.96
N PRO B 539 23.59 4.78 53.75
CA PRO B 539 24.79 4.44 52.99
C PRO B 539 25.57 3.37 53.74
N GLU B 540 26.16 2.43 53.00
CA GLU B 540 26.91 1.28 53.58
C GLU B 540 26.04 0.04 53.77
N ILE B 541 24.83 0.25 54.33
CA ILE B 541 23.77 -0.77 54.35
C ILE B 541 23.26 -0.96 52.93
N LEU B 542 23.59 0.01 52.07
CA LEU B 542 23.25 -0.01 50.65
C LEU B 542 24.28 -0.86 49.94
N LYS B 543 25.54 -0.50 50.13
CA LYS B 543 26.66 -1.17 49.46
C LYS B 543 26.76 -2.65 49.85
N ARG B 544 26.44 -2.99 51.09
CA ARG B 544 26.39 -4.40 51.51
C ARG B 544 25.21 -5.20 50.91
N ILE B 545 24.29 -4.51 50.23
CA ILE B 545 23.12 -5.16 49.62
C ILE B 545 23.02 -4.96 48.10
N GLU B 546 23.52 -3.81 47.65
CA GLU B 546 23.59 -3.41 46.23
C GLU B 546 23.82 -4.54 45.22
N LYS B 547 24.75 -5.43 45.53
CA LYS B 547 25.10 -6.56 44.68
C LYS B 547 23.88 -7.45 44.43
N GLU B 548 23.18 -7.75 45.53
CA GLU B 548 22.11 -8.73 45.57
C GLU B 548 20.78 -8.15 45.08
N LEU B 549 20.61 -6.83 45.25
CA LEU B 549 19.47 -6.13 44.69
C LEU B 549 19.55 -6.25 43.16
N ILE B 550 20.74 -6.05 42.59
CA ILE B 550 20.92 -6.20 41.16
C ILE B 550 20.57 -7.62 40.69
N GLU B 551 21.05 -8.63 41.41
CA GLU B 551 20.80 -10.04 41.10
C GLU B 551 19.32 -10.45 41.25
N LYS B 552 18.75 -10.25 42.43
CA LYS B 552 17.37 -10.70 42.70
C LYS B 552 16.26 -9.76 42.20
N GLY B 553 16.61 -8.53 41.83
CA GLY B 553 15.69 -7.57 41.22
C GLY B 553 14.70 -6.86 42.15
N SER B 554 14.63 -7.33 43.40
CA SER B 554 13.73 -6.77 44.40
C SER B 554 14.43 -6.71 45.75
N LEU B 555 13.88 -5.91 46.68
CA LEU B 555 14.41 -5.79 48.06
C LEU B 555 13.86 -6.86 49.00
N LYS B 556 12.94 -7.64 48.47
CA LYS B 556 12.04 -8.50 49.23
C LYS B 556 12.79 -9.50 50.08
N ASP B 557 13.76 -10.17 49.48
CA ASP B 557 14.40 -11.28 50.16
C ASP B 557 15.85 -10.99 50.52
N ILE B 558 16.09 -9.76 50.95
CA ILE B 558 17.40 -9.32 51.36
C ILE B 558 17.43 -9.22 52.89
N PRO B 559 18.30 -10.06 53.53
CA PRO B 559 18.57 -9.96 54.96
C PRO B 559 19.02 -8.57 55.40
N ASP B 560 18.28 -8.05 56.38
CA ASP B 560 18.68 -6.86 57.12
C ASP B 560 18.62 -5.58 56.29
N VAL B 561 17.53 -5.42 55.54
CA VAL B 561 17.02 -4.09 55.19
C VAL B 561 15.71 -3.95 55.97
N PRO B 562 15.58 -2.87 56.76
CA PRO B 562 14.42 -2.77 57.67
C PRO B 562 13.11 -3.09 56.98
N GLU B 563 12.19 -3.74 57.70
CA GLU B 563 10.92 -4.12 57.10
C GLU B 563 10.21 -2.94 56.44
N LYS B 564 10.54 -1.72 56.86
CA LYS B 564 9.80 -0.56 56.39
C LYS B 564 10.36 0.01 55.09
N ILE B 565 11.65 -0.17 54.88
CA ILE B 565 12.21 0.13 53.58
C ILE B 565 11.65 -0.86 52.52
N LYS B 566 11.47 -2.12 52.91
CA LYS B 566 10.94 -3.17 52.06
C LYS B 566 9.51 -2.86 51.60
N LYS B 567 8.70 -2.32 52.51
CA LYS B 567 7.27 -2.07 52.24
C LYS B 567 7.05 -0.91 51.30
N VAL B 568 7.76 0.18 51.53
CA VAL B 568 7.72 1.34 50.65
C VAL B 568 8.35 1.10 49.27
N PHE B 569 9.58 0.58 49.23
CA PHE B 569 10.34 0.47 48.01
C PHE B 569 10.06 -0.82 47.22
N VAL B 570 8.78 -0.98 46.89
CA VAL B 570 8.31 -2.03 46.03
C VAL B 570 8.56 -1.68 44.56
N VAL B 571 8.92 -2.68 43.77
CA VAL B 571 9.03 -2.55 42.32
C VAL B 571 7.87 -3.25 41.60
N ALA B 572 7.82 -3.17 40.28
CA ALA B 572 6.69 -3.71 39.51
C ALA B 572 6.25 -5.12 39.95
N LEU B 573 7.23 -6.02 40.11
CA LEU B 573 6.91 -7.43 40.34
C LEU B 573 6.73 -7.80 41.78
N ASP B 574 6.88 -6.84 42.71
CA ASP B 574 6.46 -7.03 44.12
C ASP B 574 4.94 -6.81 44.27
N ILE B 575 4.34 -6.25 43.24
CA ILE B 575 3.01 -5.80 43.26
C ILE B 575 2.25 -6.81 42.40
N ASP B 576 1.23 -7.42 42.99
CA ASP B 576 0.46 -8.47 42.37
C ASP B 576 -0.47 -7.85 41.33
N PRO B 577 -0.92 -8.66 40.31
CA PRO B 577 -1.74 -8.20 39.19
C PRO B 577 -2.98 -7.36 39.55
N MET B 578 -3.72 -7.72 40.60
CA MET B 578 -4.90 -6.94 41.01
C MET B 578 -4.57 -5.56 41.57
N ASP B 579 -3.41 -5.47 42.23
CA ASP B 579 -2.94 -4.19 42.74
C ASP B 579 -2.51 -3.24 41.63
N HIS B 580 -1.89 -3.77 40.59
CA HIS B 580 -1.71 -3.08 39.32
C HIS B 580 -3.03 -2.55 38.71
N LEU B 581 -3.98 -3.46 38.54
CA LEU B 581 -5.28 -3.18 37.97
C LEU B 581 -6.08 -2.15 38.73
N LEU B 582 -5.99 -2.18 40.06
CA LEU B 582 -6.78 -1.25 40.88
C LEU B 582 -6.15 0.14 40.96
N MET B 583 -4.83 0.21 40.92
CA MET B 583 -4.23 1.49 40.61
C MET B 583 -4.77 2.12 39.30
N GLN B 584 -4.85 1.32 38.22
CA GLN B 584 -5.34 1.77 36.93
C GLN B 584 -6.75 2.34 37.05
N ASP B 585 -7.56 1.68 37.86
CA ASP B 585 -8.94 2.06 38.09
C ASP B 585 -9.00 3.37 38.88
N ALA B 586 -8.18 3.49 39.92
CA ALA B 586 -8.12 4.73 40.72
C ALA B 586 -7.88 5.97 39.86
N PHE B 587 -6.86 5.92 39.00
CA PHE B 587 -6.61 7.05 38.06
C PHE B 587 -7.70 7.20 37.00
N GLN B 588 -8.16 6.08 36.42
CA GLN B 588 -9.09 6.16 35.26
C GLN B 588 -10.39 6.86 35.65
N ARG B 589 -10.70 6.85 36.94
CA ARG B 589 -11.91 7.50 37.41
C ARG B 589 -11.84 9.01 37.29
N TYR B 590 -10.64 9.57 37.10
CA TYR B 590 -10.45 11.04 36.99
C TYR B 590 -9.60 11.45 35.80
N VAL B 591 -9.66 10.64 34.75
CA VAL B 591 -8.99 10.92 33.50
C VAL B 591 -10.07 10.77 32.44
N ASP B 592 -10.13 11.72 31.51
CA ASP B 592 -11.18 11.69 30.52
C ASP B 592 -10.83 10.88 29.26
N ASN B 593 -9.55 10.83 28.91
CA ASN B 593 -9.04 9.85 27.91
C ASN B 593 -8.77 8.48 28.60
N ASN B 594 -7.67 7.82 28.23
CA ASN B 594 -7.36 6.51 28.79
C ASN B 594 -6.07 6.48 29.59
N ILE B 595 -5.64 5.28 29.96
CA ILE B 595 -4.52 5.09 30.84
C ILE B 595 -3.59 4.09 30.17
N SER B 596 -2.30 4.39 30.19
CA SER B 596 -1.32 3.39 29.85
C SER B 596 -0.86 2.70 31.13
N LYS B 597 -1.33 1.48 31.38
CA LYS B 597 -0.88 0.67 32.54
C LYS B 597 -0.58 -0.78 32.11
N THR B 598 0.63 -1.26 32.39
CA THR B 598 0.97 -2.66 32.14
C THR B 598 0.58 -3.43 33.37
N ILE B 599 -0.25 -4.47 33.22
CA ILE B 599 -0.51 -5.37 34.32
C ILE B 599 0.58 -6.46 34.33
N ASN B 600 1.64 -6.21 35.09
CA ASN B 600 2.72 -7.17 35.30
C ASN B 600 2.25 -8.41 36.04
N MET B 601 2.57 -9.57 35.49
CA MET B 601 2.30 -10.84 36.14
C MET B 601 3.57 -11.68 36.37
N PRO B 602 3.63 -12.41 37.51
CA PRO B 602 4.79 -13.27 37.78
C PRO B 602 4.93 -14.38 36.74
N GLN B 603 6.13 -14.95 36.63
CA GLN B 603 6.37 -15.97 35.62
C GLN B 603 5.46 -17.14 35.87
N SER B 604 5.15 -17.34 37.14
CA SER B 604 4.40 -18.50 37.56
C SER B 604 2.89 -18.31 37.38
N ALA B 605 2.46 -17.14 36.89
CA ALA B 605 1.04 -16.90 36.58
C ALA B 605 0.52 -17.87 35.50
N THR B 606 -0.72 -18.31 35.64
CA THR B 606 -1.36 -19.16 34.63
C THR B 606 -2.37 -18.37 33.78
N VAL B 607 -2.89 -19.06 32.77
CA VAL B 607 -3.87 -18.56 31.83
C VAL B 607 -5.16 -18.23 32.58
N ASP B 608 -5.46 -19.00 33.62
CA ASP B 608 -6.60 -18.64 34.47
C ASP B 608 -6.39 -17.36 35.25
N ASP B 609 -5.17 -17.12 35.72
CA ASP B 609 -4.85 -15.81 36.36
C ASP B 609 -5.08 -14.64 35.40
N VAL B 610 -4.68 -14.78 34.15
CA VAL B 610 -4.94 -13.76 33.12
C VAL B 610 -6.44 -13.53 32.95
N LEU B 611 -7.20 -14.61 32.73
CA LEU B 611 -8.69 -14.55 32.65
C LEU B 611 -9.30 -13.83 33.83
N ASN B 612 -8.79 -14.13 35.02
CA ASN B 612 -9.23 -13.42 36.20
C ASN B 612 -8.95 -11.94 36.17
N VAL B 613 -7.81 -11.52 35.57
CA VAL B 613 -7.50 -10.09 35.37
C VAL B 613 -8.55 -9.44 34.44
N TYR B 614 -8.88 -10.13 33.36
CA TYR B 614 -9.85 -9.64 32.38
C TYR B 614 -11.22 -9.45 32.99
N LEU B 615 -11.63 -10.45 33.78
CA LEU B 615 -12.91 -10.41 34.49
C LEU B 615 -12.99 -9.23 35.46
N GLU B 616 -11.96 -9.07 36.27
CA GLU B 616 -11.90 -7.87 37.11
C GLU B 616 -11.83 -6.55 36.33
N ALA B 617 -11.21 -6.55 35.16
CA ALA B 617 -11.11 -5.35 34.35
C ALA B 617 -12.50 -4.89 33.91
N LEU B 618 -13.35 -5.88 33.66
CA LEU B 618 -14.70 -5.71 33.15
C LEU B 618 -15.59 -5.09 34.23
N ARG B 619 -15.22 -5.30 35.50
CA ARG B 619 -15.98 -4.77 36.65
C ARG B 619 -15.51 -3.40 37.10
N THR B 620 -14.23 -3.11 36.89
CA THR B 620 -13.68 -1.84 37.27
C THR B 620 -13.99 -0.82 36.18
N ASN B 621 -13.39 0.37 36.31
CA ASN B 621 -13.68 1.50 35.41
C ASN B 621 -12.64 1.71 34.31
N VAL B 622 -11.71 0.74 34.20
CA VAL B 622 -10.64 0.75 33.18
C VAL B 622 -11.23 0.60 31.79
N ARG B 623 -10.57 1.26 30.84
CA ARG B 623 -11.00 1.38 29.46
C ARG B 623 -10.19 0.49 28.50
N GLY B 624 -9.25 -0.29 29.07
CA GLY B 624 -8.39 -1.17 28.32
C GLY B 624 -7.49 -2.01 29.20
N ILE B 625 -6.89 -3.04 28.63
CA ILE B 625 -5.99 -3.89 29.40
C ILE B 625 -4.76 -4.23 28.59
N THR B 626 -3.61 -4.12 29.25
CA THR B 626 -2.35 -4.71 28.81
C THR B 626 -1.80 -5.54 29.93
N VAL B 627 -1.55 -6.81 29.62
CA VAL B 627 -0.83 -7.70 30.55
C VAL B 627 0.53 -8.05 30.01
N TYR B 628 1.51 -8.17 30.91
CA TYR B 628 2.77 -8.67 30.53
C TYR B 628 3.24 -9.63 31.59
N ARG B 629 3.40 -10.90 31.22
CA ARG B 629 3.87 -11.90 32.15
C ARG B 629 5.39 -11.99 32.08
N ASP B 630 6.02 -11.85 33.24
CA ASP B 630 7.45 -11.85 33.40
C ASP B 630 8.02 -13.13 32.80
N GLY B 631 9.01 -12.99 31.92
CA GLY B 631 9.64 -14.13 31.25
C GLY B 631 8.91 -14.79 30.07
N SER B 632 8.19 -14.01 29.27
CA SER B 632 7.39 -14.57 28.20
C SER B 632 7.82 -14.12 26.78
MG MG C . 9.36 15.66 -2.65
PG DTP D . 13.01 16.13 -0.88
O1G DTP D . 14.52 15.49 -0.57
O2G DTP D . 12.33 15.44 -2.23
O3G DTP D . 12.97 17.59 -1.05
PB DTP D . 10.57 15.42 0.36
O1B DTP D . 9.93 16.07 1.55
O2B DTP D . 10.07 15.74 -1.02
O3B DTP D . 12.16 15.66 0.47
PA DTP D . 9.67 12.80 -0.49
O1A DTP D . 9.64 13.60 -1.73
O2A DTP D . 8.40 12.28 0.09
O3A DTP D . 10.53 13.76 0.56
O5' DTP D . 10.72 11.58 -0.61
C5' DTP D . 11.42 11.47 -1.83
C4' DTP D . 12.16 10.16 -1.88
O4' DTP D . 12.67 9.79 -0.59
C3' DTP D . 11.29 8.98 -2.33
O3' DTP D . 12.15 8.02 -2.97
C2' DTP D . 10.81 8.36 -1.05
C1' DTP D . 11.98 8.58 -0.10
N9 DTP D . 11.62 8.72 1.37
C8 DTP D . 11.01 9.80 1.96
N7 DTP D . 10.88 9.57 3.28
C5 DTP D . 11.40 8.37 3.53
C6 DTP D . 11.54 7.64 4.69
N6 DTP D . 11.12 8.17 5.81
N1 DTP D . 12.13 6.43 4.68
C2 DTP D . 12.57 5.94 3.52
N3 DTP D . 12.46 6.63 2.35
C4 DTP D . 11.87 7.83 2.34
MG MG E . -17.11 -0.68 -2.64
PG DTP F . -19.07 -3.38 -3.60
O1G DTP F . -19.61 -4.80 -2.98
O2G DTP F . -18.62 -2.49 -2.27
O3G DTP F . -20.05 -2.65 -4.45
PB DTP F . -16.72 -2.48 -4.57
O1B DTP F . -16.62 -2.17 -6.04
O2B DTP F . -16.85 -1.32 -3.64
O3B DTP F . -17.81 -3.68 -4.41
PA DTP F . -14.51 -2.79 -3.04
O1A DTP F . -15.47 -2.01 -2.29
O2A DTP F . -13.33 -2.11 -3.58
O3A DTP F . -15.35 -3.44 -4.13
O5' DTP F . -14.07 -4.04 -2.14
C5' DTP F . -14.62 -4.04 -0.84
C4' DTP F . -13.99 -5.10 0.05
O4' DTP F . -13.47 -6.27 -0.62
C3' DTP F . -12.79 -4.47 0.79
O3' DTP F . -12.69 -5.13 2.07
C2' DTP F . -11.61 -4.78 -0.15
C1' DTP F . -11.98 -6.19 -0.64
N9 DTP F . -11.60 -6.50 -2.01
C8 DTP F . -12.09 -5.90 -3.14
N7 DTP F . -11.52 -6.47 -4.21
C5 DTP F . -10.71 -7.42 -3.76
C6 DTP F . -9.91 -8.31 -4.38
N6 DTP F . -9.91 -8.27 -5.72
N1 DTP F . -9.15 -9.17 -3.65
C2 DTP F . -9.21 -9.17 -2.32
N3 DTP F . -9.99 -8.33 -1.67
C4 DTP F . -10.76 -7.47 -2.37
#